data_7WIT
#
_entry.id   7WIT
#
_cell.length_a   1.00
_cell.length_b   1.00
_cell.length_c   1.00
_cell.angle_alpha   90.00
_cell.angle_beta   90.00
_cell.angle_gamma   90.00
#
_symmetry.space_group_name_H-M   'P 1'
#
loop_
_entity.id
_entity.type
_entity.pdbx_description
1 polymer 'ATP-sensitive inward rectifier potassium channel 11,ATP-binding cassette sub-family C member 8 isoform X1'
2 non-polymer "ADENOSINE-5'-TRIPHOSPHATE"
3 non-polymer '(2S)-4-[(3aR,7aS)-1,3,3a,4,5,6,7,7a-octahydroisoindol-2-yl]-4-oxidanylidene-2-(phenylmethyl)butanoic acid'
#
_entity_poly.entity_id   1
_entity_poly.type   'polypeptide(L)'
_entity_poly.pdbx_seq_one_letter_code
;GPLSRKGIIPEEYVLTRLAEDPAEPRYRTRERRVDGSGSGSGSAAGSGSGSGSGSGAAAEDLQDLGVRFLQPFVNLLSKG
TYWWMNAFIKTAHKKPIDLRAIGKLPIAMRALTNYQRLCVAFDAQARKDTQSPQGARAIWRALCHAFGRRLILSSTFRIL
ADLLGFAGPLCIFGIVDHLGKENHVFQPKTQFLGVYFVSSQEFLGNAYVLAVLLFLALLLQRTFLQASYYVAIETGINLR
GAIQTKIYNKIMHLSTSNLSMGEMTAGQICNLVAIDTNQLMWFFFLCPNLWAMPVQIIVGVILLYYILGVSALIGAAVII
LLAPVQYFVATKLSQAQRSTLEHSNERLKQTNEMLRGMKLLKLYAWESIFCSRVEVTRRKEMTSLRAFAVYTSISIFMNT
AIPIAAVLITFVGHVSFFKESDLSPSVAFASLSLFHILVTPLFLLSSVVRSTVKALVSVQKLSEFLSSAEIREEQCAPRE
PAPQGQAGKYQAVPLKVVNRKRPAREEVRDLLGPLQRLAPSMDGDADNFCVQIIGGFFTWTPDGIPTLSNITIRIPRGQL
TMIVGQVGCGKSSLLLATLGEMQKVSGAVFWNSNLPDSEGEDPSSPERETAAGSDIRSRGPVAYASQKPWLLNATVEENI
TFESPFNKQRYKMVIEACSLQPDIDILPHGDQTQIGERGINLSGGQRQRISVARALYQQTNVVFLDDPFSALDVHLSDHL
MQAGILELLRDDKRTVVLVTHKLQYLPHADWIIAMKDGTIQREGTLKDFQRSECQLFEHWKTLMNRQDQELEKETVMERK
ASEPSQGLPRAMSSRDGLLLDEEEEEEEAAESEEDDNLSSVLHQRAKIPWRACTKYLSSAGILLLSLLVFSQLLKHMVLV
AIDYWLAKWTDSALVLSPAARNCSLSQECDLDQSVYAMVFTLLCSLGIVLCLVTSVTVEWTGLKVAKRLHRSLLNRIILA
PMRFFETTPLGSILNRFSSDCNTIDQHIPSTLECLSRSTLLCVSALTVISYVTPVFLVALLPLAVVCYFIQKYFRVASRD
LQQLDDTTQLPLLSHFAETVEGLTTIRAFRYEARFQQKLLEYTDSNNIASLFLTAANRWLEVRMEYIGACVVLIAAATSI
SNSLHRELSAGLVGLGLTYALMVSNYLNWMVRNLADMEIQLGAVKRIHALLKTEAESYEGLLAPSLIPKNWPDQGKIQIQ
NLSVRYDSSLKPVLKHVNALISPGQKIGICGRTGSGKSSFSLAFFRMVDMFEGRIIIDGIDIAKLPLHTLRSRLSIILQD
PVLFSGTIRFNLDPEKKCSDSTLWEALEIAQLKLVVKALPGGLDAIITEGGENFSQGQRQLFCLARAFVRKTSIFIMDEA
TASIDMATENILQKVVMTAFADRTVVTIAHRVHTILSADLVMVLKRGAILEFDKPETLLSQKDSVFASFVRADK
;
_entity_poly.pdbx_strand_id   A
#
# COMPACT_ATOMS: atom_id res chain seq x y z
N LEU A 70 4.93 24.29 17.90
CA LEU A 70 4.97 25.74 18.05
C LEU A 70 6.40 26.23 18.26
N GLN A 71 7.31 25.79 17.40
CA GLN A 71 8.70 26.21 17.51
C GLN A 71 8.92 27.72 17.32
N PRO A 72 8.25 28.43 16.39
CA PRO A 72 8.59 29.86 16.22
C PRO A 72 8.36 30.70 17.45
N PHE A 73 7.34 30.39 18.25
CA PHE A 73 7.00 31.25 19.39
C PHE A 73 8.04 31.16 20.50
N VAL A 74 8.61 29.98 20.72
CA VAL A 74 9.51 29.75 21.85
C VAL A 74 10.84 30.45 21.60
N ASN A 75 11.66 30.59 22.65
CA ASN A 75 12.92 31.29 22.56
C ASN A 75 13.96 30.40 21.88
N LEU A 76 15.19 30.92 21.75
CA LEU A 76 16.23 30.21 21.02
C LEU A 76 16.65 28.94 21.73
N LEU A 77 16.76 28.97 23.06
CA LEU A 77 17.24 27.80 23.78
C LEU A 77 16.24 26.64 23.70
N SER A 78 14.96 26.93 23.98
CA SER A 78 13.95 25.88 23.92
C SER A 78 13.77 25.37 22.49
N LYS A 79 13.87 26.28 21.51
CA LYS A 79 13.79 25.85 20.11
C LYS A 79 14.96 24.96 19.72
N GLY A 80 16.16 25.27 20.19
CA GLY A 80 17.31 24.43 19.91
C GLY A 80 17.24 23.08 20.58
N THR A 81 16.76 23.03 21.82
CA THR A 81 16.69 21.80 22.59
C THR A 81 15.33 21.12 22.50
N TYR A 82 14.37 21.71 21.80
CA TYR A 82 13.03 21.14 21.62
C TYR A 82 12.37 20.84 22.96
N TRP A 83 12.54 21.75 23.91
CA TRP A 83 11.88 21.60 25.21
C TRP A 83 10.37 21.68 25.09
N TRP A 84 9.86 22.38 24.08
CA TRP A 84 8.41 22.45 23.87
C TRP A 84 7.84 21.08 23.56
N MET A 85 8.64 20.18 22.98
CA MET A 85 8.18 18.85 22.66
C MET A 85 8.16 17.93 23.88
N ASN A 86 8.82 18.32 24.96
CA ASN A 86 8.94 17.45 26.13
C ASN A 86 7.58 17.16 26.75
N ALA A 87 6.77 18.20 26.96
CA ALA A 87 5.45 18.01 27.56
C ALA A 87 4.57 17.16 26.65
N PHE A 88 4.63 17.40 25.35
CA PHE A 88 3.84 16.60 24.42
C PHE A 88 4.25 15.14 24.47
N ILE A 89 5.55 14.87 24.55
CA ILE A 89 6.00 13.48 24.61
C ILE A 89 5.50 12.81 25.88
N LYS A 90 5.65 13.50 27.02
CA LYS A 90 5.22 12.90 28.29
C LYS A 90 3.70 12.68 28.32
N THR A 91 2.94 13.59 27.72
CA THR A 91 1.49 13.42 27.67
C THR A 91 1.09 12.27 26.74
N ALA A 92 1.72 12.20 25.56
CA ALA A 92 1.40 11.14 24.61
C ALA A 92 1.82 9.77 25.12
N HIS A 93 2.78 9.70 26.04
CA HIS A 93 3.13 8.40 26.61
C HIS A 93 1.96 7.77 27.34
N LYS A 94 1.05 8.57 27.90
CA LYS A 94 -0.04 8.05 28.70
C LYS A 94 -1.29 7.73 27.89
N LYS A 95 -1.66 8.58 26.95
CA LYS A 95 -2.84 8.35 26.13
C LYS A 95 -2.50 8.59 24.66
N PRO A 96 -3.15 7.87 23.75
CA PRO A 96 -2.76 7.94 22.34
C PRO A 96 -2.96 9.32 21.75
N ILE A 97 -2.16 9.63 20.72
CA ILE A 97 -2.23 10.92 20.05
C ILE A 97 -3.44 10.94 19.13
N ASP A 98 -4.22 12.00 19.23
CA ASP A 98 -5.39 12.23 18.39
C ASP A 98 -5.26 13.54 17.65
N LEU A 99 -6.20 13.80 16.74
CA LEU A 99 -6.21 15.06 16.01
C LEU A 99 -6.44 16.24 16.95
N ARG A 100 -7.09 16.02 18.10
CA ARG A 100 -7.21 17.07 19.10
C ARG A 100 -5.89 17.35 19.78
N ALA A 101 -5.08 16.31 20.01
CA ALA A 101 -3.78 16.51 20.65
C ALA A 101 -2.87 17.38 19.81
N ILE A 102 -2.85 17.14 18.50
CA ILE A 102 -2.02 17.95 17.61
C ILE A 102 -2.78 19.22 17.25
N GLY A 103 -2.14 20.37 17.48
CA GLY A 103 -2.79 21.65 17.27
C GLY A 103 -2.83 22.04 15.81
N LYS A 104 -3.44 23.20 15.57
CA LYS A 104 -3.51 23.72 14.21
C LYS A 104 -2.13 24.19 13.76
N LEU A 105 -1.95 24.26 12.45
CA LEU A 105 -0.65 24.58 11.88
C LEU A 105 -0.34 26.07 12.03
N PRO A 106 0.93 26.43 12.16
CA PRO A 106 1.31 27.85 12.17
C PRO A 106 1.00 28.52 10.85
N ILE A 107 0.80 29.84 10.92
CA ILE A 107 0.44 30.60 9.73
C ILE A 107 1.51 30.49 8.65
N ALA A 108 2.79 30.52 9.05
CA ALA A 108 3.86 30.50 8.07
C ALA A 108 3.92 29.18 7.32
N MET A 109 3.57 28.07 7.99
CA MET A 109 3.62 26.75 7.36
C MET A 109 2.19 26.21 7.25
N ARG A 110 1.50 26.63 6.20
CA ARG A 110 0.21 26.08 5.82
C ARG A 110 0.25 25.79 4.33
N ALA A 111 -0.63 24.90 3.90
CA ALA A 111 -0.70 24.59 2.47
C ALA A 111 -1.07 25.82 1.66
N LEU A 112 -2.04 26.61 2.14
CA LEU A 112 -2.44 27.80 1.42
C LEU A 112 -1.33 28.84 1.36
N THR A 113 -0.64 29.05 2.48
CA THR A 113 0.43 30.05 2.50
C THR A 113 1.58 29.65 1.60
N ASN A 114 2.02 28.40 1.69
CA ASN A 114 3.10 27.93 0.82
C ASN A 114 2.68 27.95 -0.64
N TYR A 115 1.42 27.59 -0.92
CA TYR A 115 0.94 27.64 -2.29
C TYR A 115 0.95 29.06 -2.84
N GLN A 116 0.51 30.03 -2.02
CA GLN A 116 0.53 31.42 -2.47
C GLN A 116 1.95 31.91 -2.68
N ARG A 117 2.87 31.52 -1.80
CA ARG A 117 4.27 31.90 -1.98
C ARG A 117 4.86 31.31 -3.26
N LEU A 118 4.57 30.04 -3.53
CA LEU A 118 5.06 29.42 -4.76
C LEU A 118 4.44 30.06 -5.99
N CYS A 119 3.15 30.42 -5.93
CA CYS A 119 2.52 31.09 -7.06
C CYS A 119 3.13 32.47 -7.30
N VAL A 120 3.44 33.19 -6.23
CA VAL A 120 4.11 34.48 -6.37
C VAL A 120 5.48 34.29 -7.01
N ALA A 121 6.21 33.27 -6.57
CA ALA A 121 7.51 32.99 -7.18
C ALA A 121 7.38 32.66 -8.65
N PHE A 122 6.37 31.87 -9.02
CA PHE A 122 6.15 31.52 -10.41
C PHE A 122 5.81 32.75 -11.24
N ASP A 123 4.97 33.63 -10.70
CA ASP A 123 4.64 34.86 -11.41
C ASP A 123 5.87 35.73 -11.62
N ALA A 124 6.71 35.83 -10.58
CA ALA A 124 7.92 36.63 -10.70
C ALA A 124 8.88 36.04 -11.73
N GLN A 125 9.06 34.72 -11.71
CA GLN A 125 10.02 34.09 -12.62
C GLN A 125 9.54 34.13 -14.06
N ALA A 126 8.27 33.80 -14.29
CA ALA A 126 7.74 33.72 -15.65
C ALA A 126 7.42 35.09 -16.25
N ARG A 127 7.38 36.15 -15.43
CA ARG A 127 7.11 37.48 -15.97
C ARG A 127 8.22 37.97 -16.88
N LYS A 128 9.42 37.39 -16.78
CA LYS A 128 10.54 37.77 -17.64
C LYS A 128 11.23 36.54 -18.18
N GLY A 135 8.21 25.89 -17.96
CA GLY A 135 9.28 24.99 -18.33
C GLY A 135 9.89 24.27 -17.14
N ALA A 136 10.91 23.44 -17.41
CA ALA A 136 11.61 22.76 -16.33
C ALA A 136 12.58 23.69 -15.60
N ARG A 137 13.08 24.72 -16.27
CA ARG A 137 13.93 25.70 -15.60
C ARG A 137 13.13 26.60 -14.68
N ALA A 138 11.93 27.00 -15.11
CA ALA A 138 11.14 27.94 -14.32
C ALA A 138 10.73 27.35 -12.98
N ILE A 139 10.30 26.09 -12.96
CA ILE A 139 9.88 25.47 -11.70
C ILE A 139 11.06 25.35 -10.76
N TRP A 140 12.25 25.08 -11.28
CA TRP A 140 13.44 25.09 -10.43
C TRP A 140 13.71 26.48 -9.88
N ARG A 141 13.54 27.50 -10.71
CA ARG A 141 13.73 28.87 -10.23
C ARG A 141 12.69 29.24 -9.17
N ALA A 142 11.43 28.83 -9.39
CA ALA A 142 10.39 29.12 -8.41
C ALA A 142 10.62 28.36 -7.11
N LEU A 143 11.05 27.10 -7.21
CA LEU A 143 11.38 26.34 -6.00
C LEU A 143 12.61 26.92 -5.31
N CYS A 144 13.55 27.45 -6.08
CA CYS A 144 14.71 28.11 -5.49
C CYS A 144 14.33 29.46 -4.89
N HIS A 145 13.49 30.22 -5.58
CA HIS A 145 13.13 31.56 -5.10
C HIS A 145 12.27 31.49 -3.85
N ALA A 146 11.26 30.61 -3.85
CA ALA A 146 10.31 30.60 -2.74
C ALA A 146 10.93 29.97 -1.50
N PHE A 147 11.64 28.86 -1.66
CA PHE A 147 12.20 28.11 -0.54
C PHE A 147 13.73 28.13 -0.58
N GLY A 148 14.31 29.29 -0.88
CA GLY A 148 15.75 29.43 -0.86
C GLY A 148 16.25 30.10 0.39
N ARG A 149 15.46 31.05 0.92
CA ARG A 149 15.87 31.74 2.13
C ARG A 149 15.89 30.79 3.33
N ARG A 150 14.92 29.89 3.43
CA ARG A 150 14.91 28.90 4.49
C ARG A 150 15.69 27.65 4.15
N LEU A 151 16.56 27.71 3.14
CA LEU A 151 17.39 26.58 2.76
C LEU A 151 18.87 26.85 2.95
N ILE A 152 19.35 28.06 2.66
CA ILE A 152 20.72 28.40 3.02
C ILE A 152 20.84 28.54 4.53
N LEU A 153 19.77 28.97 5.19
CA LEU A 153 19.76 29.01 6.65
C LEU A 153 19.89 27.61 7.23
N SER A 154 19.43 26.61 6.49
CA SER A 154 19.69 25.23 6.89
C SER A 154 21.12 24.82 6.54
N SER A 155 21.62 25.30 5.41
CA SER A 155 22.97 24.91 4.99
C SER A 155 24.03 25.65 5.80
N THR A 156 23.71 26.86 6.28
CA THR A 156 24.66 27.59 7.12
C THR A 156 24.93 26.84 8.42
N PHE A 157 23.87 26.29 9.03
CA PHE A 157 24.07 25.50 10.23
C PHE A 157 24.88 24.25 9.92
N ARG A 158 24.56 23.56 8.83
CA ARG A 158 25.24 22.31 8.51
C ARG A 158 26.73 22.53 8.30
N ILE A 159 27.09 23.61 7.58
CA ILE A 159 28.51 23.95 7.43
C ILE A 159 29.10 24.34 8.78
N LEU A 160 28.39 25.15 9.55
CA LEU A 160 28.91 25.59 10.84
C LEU A 160 29.06 24.42 11.81
N ALA A 161 28.18 23.43 11.70
CA ALA A 161 28.33 22.23 12.52
C ALA A 161 29.48 21.38 12.04
N ASP A 162 29.77 21.41 10.74
CA ASP A 162 30.90 20.65 10.22
C ASP A 162 32.21 21.18 10.75
N LEU A 163 32.37 22.50 10.81
CA LEU A 163 33.62 23.08 11.31
C LEU A 163 33.77 22.81 12.80
N LEU A 164 32.70 22.96 13.57
CA LEU A 164 32.75 22.65 14.99
C LEU A 164 32.88 21.15 15.24
N GLY A 165 32.67 20.33 14.21
CA GLY A 165 32.91 18.91 14.36
C GLY A 165 34.38 18.59 14.58
N PHE A 166 35.26 19.33 13.95
CA PHE A 166 36.70 19.09 14.05
C PHE A 166 37.29 19.62 15.34
N ALA A 167 36.46 19.97 16.32
CA ALA A 167 36.97 20.31 17.65
C ALA A 167 37.11 19.09 18.54
N GLY A 168 36.70 17.92 18.08
CA GLY A 168 36.98 16.68 18.76
C GLY A 168 38.31 16.08 18.36
N PRO A 169 38.47 15.81 17.06
CA PRO A 169 39.78 15.32 16.59
C PRO A 169 40.94 16.25 16.88
N LEU A 170 40.72 17.57 16.83
CA LEU A 170 41.82 18.48 17.13
C LEU A 170 42.10 18.54 18.63
N CYS A 171 41.06 18.47 19.46
CA CYS A 171 41.28 18.55 20.91
C CYS A 171 41.84 17.24 21.45
N ILE A 172 41.52 16.12 20.83
CA ILE A 172 42.19 14.86 21.20
C ILE A 172 43.68 14.96 20.91
N PHE A 173 44.04 15.63 19.82
CA PHE A 173 45.44 15.90 19.54
C PHE A 173 46.06 16.73 20.63
N GLY A 174 45.34 17.75 21.11
CA GLY A 174 45.88 18.62 22.14
C GLY A 174 46.01 17.93 23.49
N ILE A 175 44.99 17.15 23.87
CA ILE A 175 44.97 16.54 25.19
C ILE A 175 46.04 15.46 25.30
N VAL A 176 46.07 14.54 24.33
CA VAL A 176 46.97 13.40 24.43
C VAL A 176 48.42 13.83 24.33
N ASP A 177 48.70 14.82 23.48
CA ASP A 177 50.08 15.28 23.31
C ASP A 177 50.61 15.90 24.60
N HIS A 178 49.78 16.69 25.30
CA HIS A 178 50.25 17.33 26.51
C HIS A 178 50.53 16.31 27.62
N LEU A 179 49.70 15.28 27.72
CA LEU A 179 49.91 14.26 28.74
C LEU A 179 51.20 13.50 28.51
N GLY A 180 51.50 13.18 27.26
CA GLY A 180 52.70 12.44 26.92
C GLY A 180 53.98 13.25 26.85
N LYS A 181 53.90 14.56 27.06
CA LYS A 181 55.08 15.42 27.00
C LYS A 181 55.52 15.82 28.39
N GLU A 202 48.61 31.72 27.71
CA GLU A 202 48.39 30.45 27.03
C GLU A 202 47.57 29.50 27.90
N PHE A 203 46.24 29.61 27.81
CA PHE A 203 45.39 28.70 28.54
C PHE A 203 45.12 27.42 27.75
N LEU A 204 45.30 27.45 26.43
CA LEU A 204 45.13 26.24 25.64
C LEU A 204 46.20 25.19 25.93
N GLY A 205 47.26 25.54 26.65
CA GLY A 205 48.29 24.57 26.98
C GLY A 205 47.90 23.60 28.05
N ASN A 206 46.79 23.83 28.76
CA ASN A 206 46.35 22.96 29.83
C ASN A 206 45.45 21.87 29.27
N ALA A 207 45.67 20.64 29.74
CA ALA A 207 44.86 19.52 29.26
C ALA A 207 43.43 19.60 29.74
N TYR A 208 43.21 20.15 30.94
CA TYR A 208 41.85 20.26 31.46
C TYR A 208 41.04 21.29 30.70
N VAL A 209 41.66 22.41 30.31
CA VAL A 209 40.93 23.44 29.60
C VAL A 209 40.36 22.89 28.31
N LEU A 210 41.13 22.08 27.60
CA LEU A 210 40.64 21.49 26.36
C LEU A 210 39.55 20.46 26.62
N ALA A 211 39.42 19.99 27.86
CA ALA A 211 38.37 19.01 28.17
C ALA A 211 37.01 19.68 28.24
N VAL A 212 36.96 20.98 28.56
CA VAL A 212 35.69 21.69 28.51
C VAL A 212 35.44 22.30 27.14
N LEU A 213 36.51 22.66 26.42
CA LEU A 213 36.34 23.08 25.04
C LEU A 213 35.82 21.94 24.18
N LEU A 214 36.35 20.74 24.40
CA LEU A 214 35.78 19.56 23.75
C LEU A 214 34.33 19.37 24.18
N PHE A 215 34.02 19.68 25.43
CA PHE A 215 32.66 19.52 25.91
C PHE A 215 31.74 20.62 25.37
N LEU A 216 32.22 21.86 25.35
CA LEU A 216 31.38 22.95 24.85
C LEU A 216 31.17 22.85 23.35
N ALA A 217 32.24 22.58 22.59
CA ALA A 217 32.10 22.50 21.14
C ALA A 217 31.23 21.33 20.74
N LEU A 218 31.38 20.18 21.40
CA LEU A 218 30.52 19.04 21.10
C LEU A 218 29.08 19.31 21.51
N LEU A 219 28.89 20.02 22.62
CA LEU A 219 27.54 20.42 23.02
C LEU A 219 26.97 21.41 22.02
N LEU A 220 27.78 22.35 21.55
CA LEU A 220 27.30 23.39 20.64
C LEU A 220 27.16 22.88 19.22
N GLN A 221 28.02 21.94 18.80
CA GLN A 221 27.90 21.40 17.45
C GLN A 221 26.64 20.57 17.30
N ARG A 222 26.33 19.74 18.28
CA ARG A 222 25.25 18.79 18.14
C ARG A 222 23.87 19.40 18.33
N THR A 223 23.78 20.74 18.41
CA THR A 223 22.51 21.43 18.24
C THR A 223 22.43 22.19 16.93
N PHE A 224 23.53 22.78 16.48
CA PHE A 224 23.56 23.36 15.14
C PHE A 224 23.32 22.30 14.10
N LEU A 225 23.91 21.12 14.27
CA LEU A 225 23.67 20.03 13.33
C LEU A 225 22.21 19.61 13.36
N GLN A 226 21.61 19.52 14.55
CA GLN A 226 20.21 19.11 14.64
C GLN A 226 19.28 20.21 14.15
N ALA A 227 19.53 21.45 14.55
CA ALA A 227 18.71 22.55 14.03
C ALA A 227 18.91 22.72 12.53
N SER A 228 19.99 22.15 11.98
CA SER A 228 20.16 22.12 10.54
C SER A 228 19.27 21.08 9.90
N TYR A 229 19.13 19.92 10.55
CA TYR A 229 18.25 18.88 10.03
C TYR A 229 16.80 19.36 10.03
N TYR A 230 16.39 20.05 11.10
CA TYR A 230 14.99 20.41 11.23
C TYR A 230 14.57 21.45 10.21
N VAL A 231 15.35 22.52 10.07
CA VAL A 231 14.96 23.59 9.15
C VAL A 231 14.97 23.09 7.71
N ALA A 232 15.84 22.14 7.38
CA ALA A 232 15.77 21.51 6.08
C ALA A 232 14.51 20.66 5.95
N ILE A 233 14.14 19.96 7.01
CA ILE A 233 12.91 19.16 6.97
C ILE A 233 11.69 20.06 6.94
N GLU A 234 11.64 21.06 7.80
CA GLU A 234 10.50 21.96 7.84
C GLU A 234 10.32 22.69 6.52
N THR A 235 11.42 22.92 5.78
CA THR A 235 11.29 23.45 4.43
C THR A 235 10.87 22.36 3.44
N GLY A 236 11.40 21.15 3.61
CA GLY A 236 11.00 20.07 2.73
C GLY A 236 9.53 19.74 2.85
N ILE A 237 9.00 19.72 4.08
CA ILE A 237 7.59 19.45 4.30
C ILE A 237 6.73 20.61 3.82
N ASN A 238 7.16 21.85 4.08
CA ASN A 238 6.40 22.99 3.58
C ASN A 238 6.38 23.02 2.06
N LEU A 239 7.41 22.48 1.42
CA LEU A 239 7.41 22.41 -0.04
C LEU A 239 6.37 21.42 -0.54
N ARG A 240 6.34 20.22 0.04
CA ARG A 240 5.36 19.22 -0.38
C ARG A 240 3.94 19.76 -0.26
N GLY A 241 3.71 20.64 0.71
CA GLY A 241 2.41 21.28 0.81
C GLY A 241 2.13 22.21 -0.35
N ALA A 242 3.15 22.91 -0.84
CA ALA A 242 2.93 23.86 -1.91
C ALA A 242 2.79 23.19 -3.26
N ILE A 243 3.52 22.09 -3.49
CA ILE A 243 3.44 21.41 -4.78
C ILE A 243 2.15 20.62 -4.90
N GLN A 244 1.76 19.90 -3.85
CA GLN A 244 0.55 19.10 -3.91
C GLN A 244 -0.66 19.96 -4.18
N THR A 245 -0.73 21.14 -3.57
CA THR A 245 -1.78 22.08 -3.95
C THR A 245 -1.59 22.56 -5.38
N LYS A 246 -0.33 22.77 -5.79
CA LYS A 246 -0.08 23.22 -7.16
C LYS A 246 -0.47 22.17 -8.17
N ILE A 247 -0.17 20.90 -7.89
CA ILE A 247 -0.61 19.82 -8.77
C ILE A 247 -2.13 19.78 -8.82
N TYR A 248 -2.78 19.87 -7.65
CA TYR A 248 -4.23 19.75 -7.60
C TYR A 248 -4.90 20.89 -8.34
N ASN A 249 -4.38 22.11 -8.21
CA ASN A 249 -5.00 23.23 -8.90
C ASN A 249 -4.87 23.09 -10.41
N LYS A 250 -3.95 22.26 -10.89
CA LYS A 250 -3.92 21.94 -12.30
C LYS A 250 -5.01 20.93 -12.66
N ILE A 251 -5.32 20.01 -11.74
CA ILE A 251 -6.34 19.00 -12.02
C ILE A 251 -7.68 19.65 -12.29
N MET A 252 -7.99 20.73 -11.56
CA MET A 252 -9.26 21.39 -11.77
C MET A 252 -9.35 22.14 -13.10
N HIS A 253 -8.36 21.99 -13.97
CA HIS A 253 -8.37 22.69 -15.26
C HIS A 253 -8.21 21.78 -16.46
N LEU A 254 -7.46 20.68 -16.34
CA LEU A 254 -7.05 19.95 -17.53
C LEU A 254 -8.24 19.37 -18.27
N SER A 255 -8.12 19.34 -19.61
CA SER A 255 -9.19 18.86 -20.46
C SER A 255 -9.44 17.37 -20.22
N THR A 256 -10.71 16.97 -20.35
CA THR A 256 -11.11 15.60 -20.08
C THR A 256 -10.69 14.64 -21.19
N SER A 257 -10.17 15.15 -22.31
CA SER A 257 -9.77 14.27 -23.40
C SER A 257 -8.69 13.29 -22.97
N ASN A 258 -7.86 13.67 -22.01
CA ASN A 258 -6.81 12.79 -21.50
C ASN A 258 -7.36 11.88 -20.40
N THR A 265 -5.17 8.34 -17.69
CA THR A 265 -4.06 8.85 -16.88
C THR A 265 -4.54 9.17 -15.47
N ALA A 266 -5.62 8.52 -15.04
CA ALA A 266 -6.12 8.75 -13.69
C ALA A 266 -5.12 8.28 -12.64
N GLY A 267 -4.49 7.14 -12.86
CA GLY A 267 -3.51 6.62 -11.92
C GLY A 267 -2.18 7.31 -11.96
N GLN A 268 -1.85 7.97 -13.07
CA GLN A 268 -0.58 8.69 -13.14
C GLN A 268 -0.53 9.85 -12.17
N ILE A 269 -1.65 10.59 -12.06
CA ILE A 269 -1.66 11.78 -11.22
C ILE A 269 -1.43 11.41 -9.76
N CYS A 270 -2.10 10.36 -9.29
CA CYS A 270 -1.88 9.92 -7.91
C CYS A 270 -0.44 9.47 -7.69
N ASN A 271 0.13 8.76 -8.67
CA ASN A 271 1.54 8.39 -8.60
C ASN A 271 2.41 9.63 -8.55
N LEU A 272 2.07 10.64 -9.34
CA LEU A 272 2.83 11.89 -9.34
C LEU A 272 2.79 12.56 -7.97
N VAL A 273 1.74 12.30 -7.20
CA VAL A 273 1.64 12.88 -5.86
C VAL A 273 2.39 12.03 -4.84
N ALA A 274 2.31 10.71 -4.98
CA ALA A 274 2.81 9.82 -3.95
C ALA A 274 4.30 9.50 -4.08
N ILE A 275 4.85 9.54 -5.29
CA ILE A 275 6.23 9.14 -5.53
C ILE A 275 7.06 10.29 -6.07
N ASP A 276 6.59 10.95 -7.13
CA ASP A 276 7.40 11.99 -7.76
C ASP A 276 7.54 13.21 -6.88
N THR A 277 6.52 13.51 -6.06
CA THR A 277 6.64 14.65 -5.15
C THR A 277 7.49 14.30 -3.94
N ASN A 278 7.41 13.05 -3.45
CA ASN A 278 8.26 12.65 -2.34
C ASN A 278 9.74 12.69 -2.72
N GLN A 279 10.08 12.23 -3.93
CA GLN A 279 11.46 12.29 -4.37
C GLN A 279 11.94 13.74 -4.45
N LEU A 280 11.05 14.66 -4.86
CA LEU A 280 11.40 16.07 -4.83
C LEU A 280 11.50 16.58 -3.40
N MET A 281 10.59 16.14 -2.53
CA MET A 281 10.66 16.55 -1.12
C MET A 281 11.94 16.07 -0.48
N TRP A 282 12.26 14.78 -0.65
CA TRP A 282 13.46 14.23 -0.03
C TRP A 282 14.72 14.84 -0.60
N PHE A 283 14.63 15.49 -1.75
CA PHE A 283 15.78 16.26 -2.23
C PHE A 283 16.02 17.46 -1.33
N PHE A 284 14.96 18.09 -0.84
CA PHE A 284 15.13 19.23 0.05
C PHE A 284 15.50 18.82 1.47
N PHE A 285 15.27 17.56 1.85
CA PHE A 285 15.83 17.07 3.10
C PHE A 285 17.35 16.96 3.01
N LEU A 286 17.85 16.45 1.89
CA LEU A 286 19.27 16.26 1.64
C LEU A 286 19.83 17.33 0.71
N CYS A 287 19.28 18.53 0.75
CA CYS A 287 19.78 19.62 -0.07
C CYS A 287 21.02 20.27 0.53
N PRO A 288 21.04 20.60 1.83
CA PRO A 288 22.26 21.22 2.38
C PRO A 288 23.49 20.32 2.31
N ASN A 289 23.32 19.01 2.33
CA ASN A 289 24.48 18.13 2.21
C ASN A 289 25.18 18.31 0.87
N LEU A 290 24.48 18.81 -0.13
CA LEU A 290 25.08 19.01 -1.45
C LEU A 290 26.17 20.07 -1.39
N TRP A 291 26.10 20.98 -0.42
CA TRP A 291 27.12 22.00 -0.22
C TRP A 291 27.95 21.75 1.02
N ALA A 292 27.60 20.77 1.84
CA ALA A 292 28.32 20.53 3.08
C ALA A 292 29.26 19.33 3.03
N MET A 293 28.99 18.35 2.17
CA MET A 293 29.97 17.29 1.96
C MET A 293 31.28 17.81 1.40
N PRO A 294 31.30 18.67 0.38
CA PRO A 294 32.60 19.20 -0.08
C PRO A 294 33.36 19.98 0.99
N VAL A 295 32.66 20.77 1.81
CA VAL A 295 33.36 21.56 2.82
C VAL A 295 33.88 20.67 3.94
N GLN A 296 33.06 19.73 4.41
CA GLN A 296 33.46 18.89 5.52
C GLN A 296 34.59 17.96 5.13
N ILE A 297 34.53 17.37 3.94
CA ILE A 297 35.55 16.41 3.52
C ILE A 297 36.86 17.13 3.21
N ILE A 298 36.80 18.24 2.48
CA ILE A 298 38.03 18.93 2.08
C ILE A 298 38.81 19.39 3.30
N VAL A 299 38.12 19.99 4.29
CA VAL A 299 38.81 20.35 5.52
C VAL A 299 39.27 19.10 6.25
N GLY A 300 38.48 18.03 6.18
CA GLY A 300 38.91 16.78 6.81
C GLY A 300 40.20 16.25 6.22
N VAL A 301 40.28 16.16 4.89
CA VAL A 301 41.47 15.60 4.26
C VAL A 301 42.65 16.55 4.43
N ILE A 302 42.41 17.85 4.45
CA ILE A 302 43.49 18.79 4.72
C ILE A 302 44.03 18.58 6.13
N LEU A 303 43.16 18.38 7.10
CA LEU A 303 43.62 18.16 8.47
C LEU A 303 44.44 16.89 8.59
N LEU A 304 44.03 15.82 7.92
CA LEU A 304 44.75 14.56 8.01
C LEU A 304 46.20 14.71 7.54
N TYR A 305 46.42 15.53 6.51
CA TYR A 305 47.78 15.72 6.04
C TYR A 305 48.65 16.40 7.09
N TYR A 306 48.12 17.41 7.77
CA TYR A 306 48.89 18.11 8.79
C TYR A 306 49.12 17.23 10.00
N ILE A 307 48.11 16.48 10.42
CA ILE A 307 48.22 15.66 11.62
C ILE A 307 49.18 14.51 11.39
N LEU A 308 49.01 13.78 10.28
CA LEU A 308 49.68 12.50 10.10
C LEU A 308 50.75 12.49 9.02
N GLY A 309 50.60 13.27 7.97
CA GLY A 309 51.56 13.28 6.88
C GLY A 309 50.93 12.81 5.58
N VAL A 310 51.79 12.61 4.59
CA VAL A 310 51.32 12.17 3.28
C VAL A 310 50.61 10.84 3.37
N SER A 311 50.99 10.00 4.34
CA SER A 311 50.34 8.69 4.50
C SER A 311 48.86 8.82 4.80
N ALA A 312 48.43 9.98 5.30
CA ALA A 312 47.01 10.16 5.58
C ALA A 312 46.21 10.36 4.29
N LEU A 313 46.85 10.89 3.25
CA LEU A 313 46.19 10.99 1.96
C LEU A 313 45.90 9.62 1.37
N ILE A 314 46.86 8.70 1.44
CA ILE A 314 46.69 7.38 0.86
C ILE A 314 45.52 6.66 1.52
N GLY A 315 45.43 6.76 2.85
CA GLY A 315 44.26 6.25 3.53
C GLY A 315 43.00 7.02 3.21
N ALA A 316 43.12 8.34 3.04
CA ALA A 316 41.95 9.14 2.71
C ALA A 316 41.51 8.91 1.27
N ALA A 317 42.45 8.65 0.36
CA ALA A 317 42.09 8.39 -1.02
C ALA A 317 41.29 7.10 -1.16
N VAL A 318 41.58 6.11 -0.31
CA VAL A 318 40.88 4.82 -0.40
C VAL A 318 39.40 5.00 -0.12
N ILE A 319 39.06 5.76 0.93
CA ILE A 319 37.65 5.97 1.25
C ILE A 319 36.96 6.73 0.14
N ILE A 320 37.58 7.81 -0.34
CA ILE A 320 36.97 8.61 -1.39
C ILE A 320 36.82 7.80 -2.67
N LEU A 321 37.88 7.07 -3.03
CA LEU A 321 37.84 6.27 -4.26
C LEU A 321 36.84 5.13 -4.17
N LEU A 322 36.38 4.80 -2.95
CA LEU A 322 35.39 3.75 -2.80
C LEU A 322 33.97 4.30 -2.65
N ALA A 323 33.79 5.61 -2.74
CA ALA A 323 32.44 6.15 -2.85
C ALA A 323 31.75 5.76 -4.15
N PRO A 324 32.38 5.84 -5.33
CA PRO A 324 31.72 5.32 -6.53
C PRO A 324 31.36 3.85 -6.45
N VAL A 325 32.24 3.01 -5.91
CA VAL A 325 31.93 1.59 -5.79
C VAL A 325 30.80 1.38 -4.79
N GLN A 326 30.75 2.20 -3.74
CA GLN A 326 29.59 2.19 -2.87
C GLN A 326 28.34 2.64 -3.63
N TYR A 327 28.48 3.62 -4.52
CA TYR A 327 27.34 4.06 -5.31
C TYR A 327 26.95 3.00 -6.33
N PHE A 328 27.92 2.33 -6.93
CA PHE A 328 27.61 1.35 -7.96
C PHE A 328 26.78 0.20 -7.38
N VAL A 329 27.12 -0.24 -6.18
CA VAL A 329 26.31 -1.27 -5.52
C VAL A 329 24.89 -0.77 -5.32
N ALA A 330 24.73 0.50 -4.96
CA ALA A 330 23.40 1.06 -4.76
C ALA A 330 22.58 1.02 -6.04
N THR A 331 23.23 1.17 -7.20
CA THR A 331 22.52 1.04 -8.46
C THR A 331 22.14 -0.41 -8.75
N LYS A 332 23.08 -1.33 -8.55
CA LYS A 332 22.80 -2.74 -8.81
C LYS A 332 21.74 -3.26 -7.86
N LEU A 333 21.69 -2.74 -6.64
CA LEU A 333 20.66 -3.16 -5.71
C LEU A 333 19.28 -2.72 -6.17
N SER A 334 19.12 -1.44 -6.51
CA SER A 334 17.81 -0.92 -6.87
C SER A 334 17.30 -1.56 -8.16
N GLN A 335 18.20 -1.94 -9.07
CA GLN A 335 17.77 -2.74 -10.22
C GLN A 335 17.23 -4.08 -9.78
N ALA A 336 17.90 -4.71 -8.80
CA ALA A 336 17.46 -6.03 -8.34
C ALA A 336 16.13 -5.93 -7.59
N GLN A 337 15.90 -4.82 -6.90
CA GLN A 337 14.64 -4.66 -6.19
C GLN A 337 13.46 -4.56 -7.15
N ARG A 338 13.66 -3.87 -8.29
CA ARG A 338 12.58 -3.75 -9.27
C ARG A 338 12.24 -5.11 -9.88
N SER A 339 13.27 -5.89 -10.25
CA SER A 339 13.01 -7.20 -10.83
C SER A 339 12.34 -8.13 -9.83
N THR A 340 12.60 -7.93 -8.54
CA THR A 340 11.83 -8.65 -7.53
C THR A 340 10.40 -8.15 -7.46
N LEU A 341 10.20 -6.84 -7.63
CA LEU A 341 8.87 -6.27 -7.58
C LEU A 341 7.97 -6.81 -8.69
N GLU A 342 8.55 -7.27 -9.79
CA GLU A 342 7.75 -7.83 -10.87
C GLU A 342 7.09 -9.14 -10.44
N HIS A 343 7.87 -10.03 -9.83
CA HIS A 343 7.32 -11.32 -9.43
C HIS A 343 6.39 -11.19 -8.24
N SER A 344 6.68 -10.27 -7.32
CA SER A 344 5.79 -10.09 -6.16
C SER A 344 4.41 -9.64 -6.60
N ASN A 345 4.34 -8.69 -7.55
CA ASN A 345 3.05 -8.28 -8.07
C ASN A 345 2.37 -9.40 -8.84
N GLU A 346 3.16 -10.21 -9.55
CA GLU A 346 2.60 -11.38 -10.22
C GLU A 346 2.10 -12.40 -9.22
N ARG A 347 2.81 -12.54 -8.09
CA ARG A 347 2.37 -13.49 -7.06
C ARG A 347 1.09 -13.03 -6.40
N LEU A 348 0.98 -11.74 -6.09
CA LEU A 348 -0.21 -11.25 -5.38
C LEU A 348 -1.46 -11.43 -6.23
N LYS A 349 -1.33 -11.33 -7.55
CA LYS A 349 -2.48 -11.64 -8.40
C LYS A 349 -2.88 -13.10 -8.25
N GLN A 350 -1.91 -14.02 -8.25
CA GLN A 350 -2.25 -15.43 -8.17
C GLN A 350 -2.78 -15.79 -6.80
N THR A 351 -2.30 -15.12 -5.76
CA THR A 351 -2.83 -15.34 -4.41
C THR A 351 -4.23 -14.76 -4.27
N ASN A 352 -4.45 -13.55 -4.80
CA ASN A 352 -5.76 -12.91 -4.65
C ASN A 352 -6.85 -13.71 -5.31
N GLU A 353 -6.58 -14.28 -6.48
CA GLU A 353 -7.57 -15.14 -7.14
C GLU A 353 -7.86 -16.38 -6.31
N MET A 354 -6.88 -16.82 -5.52
CA MET A 354 -7.08 -18.02 -4.72
C MET A 354 -7.98 -17.75 -3.53
N LEU A 355 -7.82 -16.59 -2.88
CA LEU A 355 -8.65 -16.29 -1.72
C LEU A 355 -10.07 -15.92 -2.13
N ARG A 356 -10.21 -15.12 -3.18
CA ARG A 356 -11.54 -14.66 -3.59
C ARG A 356 -12.42 -15.83 -4.00
N GLY A 357 -11.95 -16.66 -4.91
CA GLY A 357 -12.71 -17.82 -5.33
C GLY A 357 -12.36 -19.05 -4.54
N MET A 358 -12.28 -18.92 -3.22
CA MET A 358 -11.83 -20.04 -2.40
C MET A 358 -12.92 -21.10 -2.27
N LYS A 359 -14.18 -20.69 -2.19
CA LYS A 359 -15.25 -21.67 -2.08
C LYS A 359 -15.30 -22.56 -3.30
N LEU A 360 -15.11 -21.98 -4.48
CA LEU A 360 -15.08 -22.80 -5.71
C LEU A 360 -13.91 -23.77 -5.69
N LEU A 361 -12.76 -23.33 -5.18
CA LEU A 361 -11.60 -24.21 -5.12
C LEU A 361 -11.82 -25.36 -4.14
N LYS A 362 -12.23 -25.05 -2.91
CA LYS A 362 -12.39 -26.10 -1.91
C LYS A 362 -13.58 -26.99 -2.21
N LEU A 363 -14.48 -26.58 -3.10
CA LEU A 363 -15.55 -27.47 -3.54
C LEU A 363 -15.01 -28.53 -4.51
N TYR A 364 -14.14 -28.12 -5.42
CA TYR A 364 -13.55 -29.04 -6.39
C TYR A 364 -12.28 -29.70 -5.88
N ALA A 365 -11.81 -29.32 -4.70
CA ALA A 365 -10.55 -29.83 -4.14
C ALA A 365 -9.37 -29.51 -5.05
N TRP A 366 -9.36 -28.28 -5.58
CA TRP A 366 -8.25 -27.76 -6.36
C TRP A 366 -7.37 -26.83 -5.54
N GLU A 367 -7.49 -26.90 -4.21
CA GLU A 367 -6.70 -26.01 -3.36
C GLU A 367 -5.20 -26.28 -3.50
N SER A 368 -4.81 -27.55 -3.58
CA SER A 368 -3.39 -27.87 -3.70
C SER A 368 -2.84 -27.42 -5.04
N ILE A 369 -3.61 -27.58 -6.11
CA ILE A 369 -3.13 -27.24 -7.44
C ILE A 369 -2.83 -25.75 -7.54
N PHE A 370 -3.73 -24.91 -7.03
CA PHE A 370 -3.48 -23.47 -7.05
C PHE A 370 -2.44 -23.06 -6.02
N CYS A 371 -2.30 -23.82 -4.94
CA CYS A 371 -1.20 -23.58 -4.01
C CYS A 371 0.14 -23.91 -4.65
N SER A 372 0.17 -24.96 -5.47
CA SER A 372 1.40 -25.30 -6.18
C SER A 372 1.79 -24.19 -7.15
N ARG A 373 0.80 -23.59 -7.82
CA ARG A 373 1.10 -22.59 -8.83
C ARG A 373 1.60 -21.29 -8.22
N VAL A 374 1.12 -20.93 -7.02
CA VAL A 374 1.64 -19.74 -6.36
C VAL A 374 3.07 -19.94 -5.92
N GLU A 375 3.42 -21.15 -5.48
CA GLU A 375 4.79 -21.41 -5.06
C GLU A 375 5.76 -21.31 -6.22
N VAL A 376 5.35 -21.69 -7.42
CA VAL A 376 6.22 -21.57 -8.59
C VAL A 376 6.58 -20.11 -8.82
N THR A 377 5.59 -19.21 -8.70
CA THR A 377 5.89 -17.79 -8.77
C THR A 377 6.73 -17.33 -7.60
N ARG A 378 6.48 -17.89 -6.41
CA ARG A 378 7.26 -17.51 -5.24
C ARG A 378 8.73 -17.87 -5.41
N ARG A 379 9.00 -19.08 -5.91
CA ARG A 379 10.39 -19.49 -6.07
C ARG A 379 11.14 -18.59 -7.03
N LYS A 380 10.48 -18.15 -8.11
CA LYS A 380 11.09 -17.18 -8.99
C LYS A 380 11.34 -15.86 -8.27
N GLU A 381 10.40 -15.43 -7.42
CA GLU A 381 10.64 -14.23 -6.63
C GLU A 381 11.78 -14.42 -5.66
N MET A 382 11.87 -15.61 -5.06
CA MET A 382 12.97 -15.87 -4.12
C MET A 382 14.31 -15.93 -4.85
N THR A 383 14.30 -16.41 -6.09
CA THR A 383 15.53 -16.40 -6.88
C THR A 383 15.99 -14.98 -7.17
N SER A 384 15.06 -14.10 -7.58
CA SER A 384 15.42 -12.71 -7.77
C SER A 384 15.68 -11.99 -6.46
N LEU A 385 15.27 -12.56 -5.34
CA LEU A 385 15.55 -11.98 -4.04
C LEU A 385 16.89 -12.44 -3.48
N ARG A 386 17.54 -13.42 -4.11
CA ARG A 386 18.92 -13.73 -3.74
C ARG A 386 19.85 -12.61 -4.17
N ALA A 387 19.68 -12.10 -5.39
CA ALA A 387 20.55 -11.03 -5.87
C ALA A 387 20.37 -9.76 -5.07
N PHE A 388 19.17 -9.53 -4.54
CA PHE A 388 18.98 -8.42 -3.62
C PHE A 388 19.71 -8.66 -2.31
N ALA A 389 19.89 -9.92 -1.93
CA ALA A 389 20.65 -10.21 -0.72
C ALA A 389 22.14 -10.09 -0.97
N VAL A 390 22.60 -10.44 -2.17
CA VAL A 390 24.02 -10.32 -2.47
C VAL A 390 24.45 -8.85 -2.47
N TYR A 391 23.68 -8.00 -3.12
CA TYR A 391 24.04 -6.58 -3.21
C TYR A 391 23.59 -5.79 -2.00
N THR A 392 22.95 -6.44 -1.02
CA THR A 392 22.84 -5.84 0.31
C THR A 392 23.99 -6.30 1.19
N SER A 393 24.45 -7.54 0.99
CA SER A 393 25.59 -8.03 1.75
C SER A 393 26.85 -7.26 1.41
N ILE A 394 27.06 -6.96 0.12
CA ILE A 394 28.23 -6.18 -0.27
C ILE A 394 28.12 -4.75 0.27
N SER A 395 26.90 -4.21 0.31
CA SER A 395 26.73 -2.86 0.82
C SER A 395 27.08 -2.76 2.30
N ILE A 396 26.74 -3.78 3.09
CA ILE A 396 27.12 -3.80 4.50
C ILE A 396 28.60 -4.09 4.64
N PHE A 397 29.16 -4.91 3.75
CA PHE A 397 30.59 -5.21 3.81
C PHE A 397 31.43 -3.99 3.53
N MET A 398 31.05 -3.18 2.53
CA MET A 398 31.85 -2.01 2.21
C MET A 398 31.77 -0.96 3.32
N ASN A 399 30.62 -0.85 3.97
CA ASN A 399 30.44 0.21 4.97
C ASN A 399 31.11 -0.10 6.30
N THR A 400 31.61 -1.32 6.50
CA THR A 400 32.34 -1.66 7.71
C THR A 400 33.68 -2.32 7.44
N ALA A 401 34.14 -2.36 6.19
CA ALA A 401 35.45 -2.87 5.86
C ALA A 401 36.27 -1.91 5.02
N ILE A 402 35.68 -0.81 4.56
CA ILE A 402 36.44 0.28 3.95
C ILE A 402 37.03 1.18 5.04
N PRO A 403 36.28 1.56 6.09
CA PRO A 403 36.93 2.29 7.18
C PRO A 403 38.08 1.54 7.81
N ILE A 404 37.96 0.22 7.96
CA ILE A 404 39.05 -0.56 8.52
C ILE A 404 40.21 -0.66 7.54
N ALA A 405 39.92 -0.82 6.26
CA ALA A 405 40.98 -0.92 5.27
C ALA A 405 41.76 0.38 5.17
N ALA A 406 41.08 1.52 5.29
CA ALA A 406 41.77 2.81 5.24
C ALA A 406 42.72 2.97 6.42
N VAL A 407 42.27 2.57 7.61
CA VAL A 407 43.12 2.66 8.79
C VAL A 407 44.32 1.73 8.64
N LEU A 408 44.11 0.57 8.01
CA LEU A 408 45.20 -0.38 7.84
C LEU A 408 46.30 0.18 6.95
N ILE A 409 45.93 0.87 5.87
CA ILE A 409 46.94 1.35 4.93
C ILE A 409 47.51 2.69 5.38
N THR A 410 46.77 3.43 6.21
CA THR A 410 47.26 4.72 6.67
C THR A 410 48.39 4.55 7.69
N PHE A 411 48.25 3.60 8.62
CA PHE A 411 49.23 3.45 9.68
C PHE A 411 50.39 2.56 9.25
N VAL A 412 50.09 1.43 8.61
CA VAL A 412 51.16 0.53 8.17
C VAL A 412 52.04 1.22 7.14
N GLY A 413 51.42 1.94 6.20
CA GLY A 413 52.20 2.66 5.21
C GLY A 413 53.03 3.76 5.83
N HIS A 414 52.53 4.37 6.90
CA HIS A 414 53.24 5.47 7.53
C HIS A 414 54.50 5.00 8.24
N VAL A 415 54.54 3.75 8.70
CA VAL A 415 55.68 3.24 9.45
C VAL A 415 56.60 2.40 8.59
N SER A 416 56.08 1.78 7.53
CA SER A 416 56.87 0.87 6.70
C SER A 416 57.50 1.57 5.50
N PHE A 417 56.69 2.17 4.63
CA PHE A 417 57.21 2.75 3.40
C PHE A 417 57.92 4.07 3.68
N PHE A 418 57.20 5.06 4.19
CA PHE A 418 57.76 6.41 4.29
C PHE A 418 58.82 6.52 5.38
N LYS A 419 58.70 5.74 6.45
CA LYS A 419 59.62 5.82 7.58
C LYS A 419 59.72 7.25 8.12
N GLU A 420 58.56 7.91 8.22
CA GLU A 420 58.50 9.29 8.67
C GLU A 420 58.62 9.35 10.18
N SER A 421 58.14 10.45 10.77
CA SER A 421 58.19 10.61 12.22
C SER A 421 57.51 9.44 12.92
N ASP A 422 58.12 8.99 14.01
CA ASP A 422 57.61 7.83 14.72
C ASP A 422 56.17 8.05 15.15
N LEU A 423 55.34 7.02 14.97
CA LEU A 423 53.94 7.12 15.32
C LEU A 423 53.79 7.41 16.81
N SER A 424 52.94 8.38 17.13
CA SER A 424 52.78 8.83 18.50
C SER A 424 51.32 8.77 18.91
N PRO A 425 51.02 8.64 20.20
CA PRO A 425 49.61 8.47 20.62
C PRO A 425 48.72 9.64 20.23
N SER A 426 49.25 10.85 20.25
CA SER A 426 48.46 12.02 19.87
C SER A 426 48.15 12.00 18.38
N VAL A 427 49.17 11.77 17.55
CA VAL A 427 48.98 11.78 16.10
C VAL A 427 48.09 10.63 15.65
N ALA A 428 48.34 9.43 16.17
CA ALA A 428 47.61 8.26 15.71
C ALA A 428 46.13 8.34 16.05
N PHE A 429 45.81 8.82 17.27
CA PHE A 429 44.42 8.80 17.70
C PHE A 429 43.65 10.03 17.30
N ALA A 430 44.32 11.17 17.12
CA ALA A 430 43.64 12.30 16.49
C ALA A 430 43.29 11.98 15.04
N SER A 431 44.22 11.36 14.32
CA SER A 431 43.95 10.98 12.93
C SER A 431 42.91 9.88 12.85
N LEU A 432 42.94 8.94 13.80
CA LEU A 432 41.93 7.88 13.79
C LEU A 432 40.53 8.44 14.01
N SER A 433 40.40 9.44 14.90
CA SER A 433 39.08 10.00 15.15
C SER A 433 38.60 10.85 13.98
N LEU A 434 39.51 11.26 13.09
CA LEU A 434 39.09 11.97 11.88
C LEU A 434 38.46 11.03 10.87
N PHE A 435 39.00 9.81 10.75
CA PHE A 435 38.42 8.84 9.83
C PHE A 435 36.99 8.48 10.25
N HIS A 436 36.73 8.40 11.54
CA HIS A 436 35.40 8.07 12.01
C HIS A 436 34.38 9.15 11.67
N ILE A 437 34.82 10.37 11.38
CA ILE A 437 33.90 11.45 11.05
C ILE A 437 33.97 11.87 9.59
N LEU A 438 34.83 11.24 8.78
CA LEU A 438 34.76 11.43 7.34
C LEU A 438 33.93 10.35 6.67
N VAL A 439 33.82 9.17 7.26
CA VAL A 439 33.11 8.08 6.60
C VAL A 439 31.62 8.35 6.55
N THR A 440 31.05 8.93 7.61
CA THR A 440 29.63 9.24 7.58
C THR A 440 29.28 10.24 6.48
N PRO A 441 30.02 11.34 6.27
CA PRO A 441 29.76 12.14 5.07
C PRO A 441 30.11 11.42 3.77
N LEU A 442 31.15 10.61 3.77
CA LEU A 442 31.63 10.01 2.52
C LEU A 442 30.79 8.81 2.07
N PHE A 443 29.99 8.23 2.96
CA PHE A 443 29.14 7.10 2.57
C PHE A 443 27.71 7.50 2.31
N LEU A 444 27.29 8.66 2.82
CA LEU A 444 26.00 9.23 2.47
C LEU A 444 26.03 10.02 1.17
N LEU A 445 27.23 10.34 0.67
CA LEU A 445 27.33 11.08 -0.58
C LEU A 445 26.77 10.28 -1.74
N SER A 446 26.79 8.95 -1.63
CA SER A 446 26.14 8.12 -2.65
C SER A 446 24.65 8.34 -2.68
N SER A 447 24.03 8.42 -1.49
CA SER A 447 22.58 8.61 -1.43
C SER A 447 22.19 10.04 -1.80
N VAL A 448 23.08 11.00 -1.56
CA VAL A 448 22.78 12.38 -1.94
C VAL A 448 22.81 12.53 -3.45
N VAL A 449 23.81 11.95 -4.11
CA VAL A 449 23.85 11.98 -5.57
C VAL A 449 22.69 11.21 -6.16
N ARG A 450 22.38 10.05 -5.57
CA ARG A 450 21.25 9.26 -6.06
C ARG A 450 19.94 10.02 -5.91
N SER A 451 19.81 10.79 -4.83
CA SER A 451 18.59 11.57 -4.64
C SER A 451 18.52 12.73 -5.62
N THR A 452 19.67 13.35 -5.92
CA THR A 452 19.67 14.51 -6.81
C THR A 452 19.36 14.11 -8.25
N VAL A 453 19.87 12.96 -8.69
CA VAL A 453 19.56 12.51 -10.05
C VAL A 453 18.11 12.06 -10.15
N LYS A 454 17.52 11.66 -9.03
CA LYS A 454 16.10 11.31 -9.03
C LYS A 454 15.21 12.52 -8.88
N ALA A 455 15.74 13.61 -8.30
CA ALA A 455 14.97 14.83 -8.20
C ALA A 455 14.92 15.58 -9.53
N LEU A 456 16.00 15.51 -10.31
CA LEU A 456 16.01 16.15 -11.62
C LEU A 456 14.98 15.54 -12.53
N VAL A 457 14.80 14.22 -12.45
CA VAL A 457 13.78 13.55 -13.25
C VAL A 457 12.39 13.98 -12.80
N SER A 458 12.16 14.06 -11.49
CA SER A 458 10.84 14.33 -10.97
C SER A 458 10.34 15.71 -11.39
N VAL A 459 11.22 16.71 -11.34
CA VAL A 459 10.81 18.05 -11.78
C VAL A 459 10.44 18.05 -13.26
N GLN A 460 11.24 17.38 -14.09
CA GLN A 460 10.89 17.30 -15.50
C GLN A 460 9.57 16.59 -15.71
N LYS A 461 9.34 15.50 -14.96
CA LYS A 461 8.06 14.81 -15.02
C LYS A 461 6.94 15.70 -14.51
N LEU A 462 7.22 16.47 -13.45
CA LEU A 462 6.21 17.37 -12.91
C LEU A 462 5.93 18.53 -13.85
N SER A 463 6.97 19.07 -14.50
CA SER A 463 6.74 20.16 -15.44
C SER A 463 6.10 19.67 -16.71
N GLU A 464 6.19 18.37 -16.99
CA GLU A 464 5.49 17.82 -18.14
C GLU A 464 4.00 17.74 -17.88
N PHE A 465 3.60 17.52 -16.64
CA PHE A 465 2.19 17.46 -16.28
C PHE A 465 1.55 18.84 -16.29
N LEU A 466 2.26 19.84 -15.74
CA LEU A 466 1.71 21.18 -15.62
C LEU A 466 1.52 21.86 -16.97
N SER A 467 2.07 21.31 -18.05
CA SER A 467 1.94 21.90 -19.37
C SER A 467 0.80 21.32 -20.19
N SER A 468 -0.01 20.43 -19.62
CA SER A 468 -1.06 19.75 -20.37
C SER A 468 -2.33 20.58 -20.45
N CYS A 530 -31.65 28.94 -18.96
CA CYS A 530 -31.65 27.98 -20.06
C CYS A 530 -30.34 28.06 -20.84
N VAL A 531 -30.23 27.26 -21.89
CA VAL A 531 -29.05 27.21 -22.73
C VAL A 531 -29.44 27.52 -24.17
N GLN A 532 -28.72 28.45 -24.78
CA GLN A 532 -28.90 28.78 -26.20
C GLN A 532 -27.53 28.82 -26.85
N ILE A 533 -27.43 28.27 -28.06
CA ILE A 533 -26.18 28.19 -28.78
C ILE A 533 -26.41 28.72 -30.20
N ILE A 534 -25.50 29.56 -30.67
CA ILE A 534 -25.52 30.09 -32.02
C ILE A 534 -24.39 29.45 -32.80
N GLY A 535 -24.73 28.79 -33.91
CA GLY A 535 -23.74 28.07 -34.69
C GLY A 535 -23.17 26.90 -33.92
N GLY A 536 -21.90 27.01 -33.53
CA GLY A 536 -21.29 26.01 -32.67
C GLY A 536 -20.57 24.89 -33.39
N PHE A 537 -19.29 24.73 -33.08
CA PHE A 537 -18.51 23.61 -33.61
C PHE A 537 -17.50 23.20 -32.54
N PHE A 538 -17.71 22.04 -31.93
CA PHE A 538 -16.90 21.58 -30.81
C PHE A 538 -16.10 20.35 -31.21
N THR A 539 -14.83 20.34 -30.79
CA THR A 539 -13.96 19.19 -31.06
C THR A 539 -13.19 18.86 -29.80
N TRP A 540 -13.14 17.57 -29.45
CA TRP A 540 -12.37 17.16 -28.29
C TRP A 540 -10.88 17.44 -28.50
N THR A 541 -10.38 17.16 -29.69
CA THR A 541 -8.99 17.44 -30.00
C THR A 541 -8.77 18.95 -30.11
N PRO A 542 -7.57 19.43 -29.77
CA PRO A 542 -7.29 20.87 -29.92
C PRO A 542 -7.43 21.36 -31.35
N ASP A 543 -7.12 20.52 -32.34
CA ASP A 543 -7.29 20.87 -33.74
C ASP A 543 -7.55 19.60 -34.53
N GLY A 544 -8.68 19.56 -35.23
CA GLY A 544 -9.04 18.37 -35.99
C GLY A 544 -10.47 18.47 -36.47
N ILE A 545 -11.03 17.30 -36.77
CA ILE A 545 -12.42 17.24 -37.25
C ILE A 545 -13.36 17.59 -36.09
N PRO A 546 -14.24 18.58 -36.25
CA PRO A 546 -15.16 18.95 -35.15
C PRO A 546 -16.16 17.84 -34.90
N THR A 547 -16.18 17.35 -33.65
CA THR A 547 -17.10 16.28 -33.29
C THR A 547 -18.55 16.74 -33.37
N LEU A 548 -18.83 17.97 -32.95
CA LEU A 548 -20.16 18.55 -33.04
C LEU A 548 -20.13 19.67 -34.07
N SER A 549 -21.00 19.57 -35.07
CA SER A 549 -21.06 20.55 -36.14
C SER A 549 -22.50 21.01 -36.31
N ASN A 550 -22.67 22.32 -36.52
CA ASN A 550 -24.00 22.92 -36.68
C ASN A 550 -24.89 22.59 -35.49
N ILE A 551 -24.33 22.66 -34.29
CA ILE A 551 -25.05 22.32 -33.06
C ILE A 551 -25.68 23.62 -32.56
N THR A 552 -26.88 23.91 -33.09
CA THR A 552 -27.63 25.10 -32.71
C THR A 552 -28.91 24.66 -32.00
N ILE A 553 -28.97 24.92 -30.69
CA ILE A 553 -30.09 24.52 -29.86
C ILE A 553 -30.49 25.66 -28.95
N ARG A 554 -31.73 25.59 -28.45
CA ARG A 554 -32.22 26.50 -27.41
C ARG A 554 -33.25 25.72 -26.60
N ILE A 555 -32.82 25.12 -25.49
CA ILE A 555 -33.73 24.40 -24.60
C ILE A 555 -34.50 25.43 -23.78
N PRO A 556 -35.76 25.19 -23.46
CA PRO A 556 -36.52 26.16 -22.67
C PRO A 556 -36.15 26.11 -21.19
N ARG A 557 -36.54 27.13 -20.44
CA ARG A 557 -36.22 27.24 -19.02
C ARG A 557 -37.39 26.72 -18.19
N GLY A 558 -37.09 25.81 -17.27
CA GLY A 558 -38.11 25.23 -16.42
C GLY A 558 -38.89 24.10 -17.04
N GLN A 559 -38.57 23.69 -18.26
CA GLN A 559 -39.31 22.67 -18.98
C GLN A 559 -38.39 21.51 -19.30
N LEU A 560 -38.93 20.30 -19.23
CA LEU A 560 -38.16 19.10 -19.52
C LEU A 560 -37.84 19.04 -21.02
N THR A 561 -36.61 18.63 -21.33
CA THR A 561 -36.15 18.48 -22.70
C THR A 561 -35.45 17.14 -22.86
N MET A 562 -35.79 16.43 -23.93
CA MET A 562 -35.22 15.12 -24.22
C MET A 562 -34.23 15.22 -25.38
N ILE A 563 -33.04 14.69 -25.17
CA ILE A 563 -32.01 14.63 -26.21
C ILE A 563 -31.91 13.18 -26.67
N VAL A 564 -32.48 12.89 -27.84
CA VAL A 564 -32.58 11.52 -28.32
C VAL A 564 -31.99 11.45 -29.72
N GLY A 565 -31.24 10.39 -29.99
CA GLY A 565 -30.62 10.23 -31.29
C GLY A 565 -29.98 8.87 -31.43
N GLN A 566 -29.17 8.74 -32.47
CA GLN A 566 -28.48 7.48 -32.73
C GLN A 566 -27.38 7.23 -31.69
N VAL A 567 -26.99 5.96 -31.58
CA VAL A 567 -25.95 5.59 -30.64
C VAL A 567 -24.62 6.20 -31.07
N GLY A 568 -23.94 6.85 -30.14
CA GLY A 568 -22.66 7.45 -30.43
C GLY A 568 -22.72 8.65 -31.34
N CYS A 569 -23.85 9.36 -31.37
CA CYS A 569 -24.03 10.52 -32.24
C CYS A 569 -24.37 11.73 -31.38
N GLY A 570 -23.33 12.37 -30.85
CA GLY A 570 -23.46 13.69 -30.25
C GLY A 570 -24.48 13.81 -29.13
N LYS A 571 -24.76 12.72 -28.42
CA LYS A 571 -25.72 12.79 -27.34
C LYS A 571 -25.08 13.29 -26.05
N SER A 572 -24.09 12.56 -25.55
CA SER A 572 -23.38 13.00 -24.35
C SER A 572 -22.42 14.15 -24.63
N SER A 573 -21.88 14.23 -25.84
CA SER A 573 -20.97 15.32 -26.17
C SER A 573 -21.69 16.66 -26.16
N LEU A 574 -22.94 16.68 -26.66
CA LEU A 574 -23.69 17.94 -26.69
C LEU A 574 -23.94 18.45 -25.29
N LEU A 575 -24.22 17.56 -24.33
CA LEU A 575 -24.33 17.99 -22.95
C LEU A 575 -23.02 18.58 -22.44
N LEU A 576 -21.90 17.92 -22.75
CA LEU A 576 -20.61 18.48 -22.36
C LEU A 576 -20.25 19.68 -23.22
N ALA A 577 -20.85 19.80 -24.41
CA ALA A 577 -20.68 21.02 -25.18
C ALA A 577 -21.31 22.22 -24.49
N THR A 578 -22.47 22.04 -23.86
CA THR A 578 -23.06 23.11 -23.06
C THR A 578 -22.15 23.51 -21.93
N LEU A 579 -21.57 22.53 -21.25
CA LEU A 579 -20.58 22.80 -20.22
C LEU A 579 -19.28 23.25 -20.90
N GLY A 580 -18.23 23.47 -20.10
CA GLY A 580 -17.03 24.07 -20.64
C GLY A 580 -15.92 23.10 -20.99
N GLU A 581 -16.25 21.83 -21.20
CA GLU A 581 -15.26 20.79 -21.43
C GLU A 581 -14.95 20.57 -22.91
N MET A 582 -15.50 21.39 -23.80
CA MET A 582 -15.27 21.23 -25.23
C MET A 582 -14.70 22.52 -25.79
N GLN A 583 -13.53 22.41 -26.42
CA GLN A 583 -12.95 23.56 -27.10
C GLN A 583 -13.80 23.92 -28.32
N LYS A 584 -14.10 25.21 -28.46
CA LYS A 584 -14.99 25.69 -29.50
C LYS A 584 -14.16 26.00 -30.74
N VAL A 585 -14.43 25.28 -31.83
CA VAL A 585 -13.83 25.64 -33.11
C VAL A 585 -14.42 26.96 -33.62
N SER A 586 -15.71 27.17 -33.40
CA SER A 586 -16.40 28.40 -33.79
C SER A 586 -17.71 28.46 -33.02
N GLY A 587 -18.57 29.39 -33.41
CA GLY A 587 -19.91 29.47 -32.87
C GLY A 587 -20.00 30.34 -31.63
N ALA A 588 -21.24 30.59 -31.21
CA ALA A 588 -21.52 31.42 -30.05
C ALA A 588 -22.45 30.66 -29.11
N VAL A 589 -22.13 30.69 -27.82
CA VAL A 589 -22.94 30.05 -26.79
C VAL A 589 -23.09 31.00 -25.62
N PHE A 590 -24.31 31.16 -25.13
CA PHE A 590 -24.59 31.91 -23.91
C PHE A 590 -25.50 31.07 -23.02
N TRP A 591 -25.14 30.97 -21.74
CA TRP A 591 -25.77 30.02 -20.84
C TRP A 591 -25.89 30.57 -19.42
N GLY A 620 -26.13 29.06 -13.83
CA GLY A 620 -25.50 28.67 -12.60
C GLY A 620 -24.99 27.25 -12.62
N PRO A 621 -24.62 26.72 -11.45
CA PRO A 621 -24.16 25.33 -11.39
C PRO A 621 -25.26 24.37 -11.80
N VAL A 622 -24.85 23.25 -12.38
CA VAL A 622 -25.76 22.28 -12.97
C VAL A 622 -25.52 20.92 -12.33
N ALA A 623 -26.60 20.28 -11.87
CA ALA A 623 -26.50 18.93 -11.35
C ALA A 623 -26.46 17.96 -12.52
N TYR A 624 -25.28 17.41 -12.79
CA TYR A 624 -25.05 16.59 -13.96
C TYR A 624 -24.86 15.15 -13.52
N ALA A 625 -25.74 14.27 -13.99
CA ALA A 625 -25.68 12.84 -13.69
C ALA A 625 -24.87 12.19 -14.81
N SER A 626 -23.63 11.82 -14.49
CA SER A 626 -22.70 11.36 -15.52
C SER A 626 -23.20 10.09 -16.19
N GLN A 627 -22.88 9.95 -17.47
CA GLN A 627 -23.23 8.73 -18.20
C GLN A 627 -22.56 7.53 -17.56
N LYS A 628 -21.30 7.66 -17.19
CA LYS A 628 -20.59 6.66 -16.41
C LYS A 628 -20.56 7.14 -14.96
N PRO A 629 -21.32 6.51 -14.07
CA PRO A 629 -21.47 7.05 -12.71
C PRO A 629 -20.16 6.98 -11.93
N TRP A 630 -19.96 7.98 -11.08
CA TRP A 630 -18.80 8.01 -10.20
C TRP A 630 -19.27 8.18 -8.76
N LEU A 631 -18.62 7.46 -7.85
CA LEU A 631 -19.00 7.44 -6.45
C LEU A 631 -17.80 7.82 -5.60
N LEU A 632 -18.00 8.78 -4.70
CA LEU A 632 -16.96 9.16 -3.76
C LEU A 632 -16.66 8.00 -2.81
N ASN A 633 -15.41 7.91 -2.37
CA ASN A 633 -15.07 6.89 -1.38
C ASN A 633 -15.62 7.30 -0.03
N ALA A 634 -16.93 7.27 0.13
CA ALA A 634 -17.58 7.72 1.35
C ALA A 634 -18.90 6.97 1.51
N THR A 635 -19.71 7.43 2.46
CA THR A 635 -20.96 6.76 2.80
C THR A 635 -21.99 6.95 1.71
N VAL A 636 -22.97 6.04 1.68
CA VAL A 636 -24.08 6.17 0.75
C VAL A 636 -24.91 7.42 1.08
N GLU A 637 -25.04 7.73 2.37
CA GLU A 637 -25.68 8.98 2.74
C GLU A 637 -24.86 10.17 2.26
N GLU A 638 -23.53 10.09 2.39
CA GLU A 638 -22.66 11.19 1.96
C GLU A 638 -22.70 11.37 0.44
N ASN A 639 -22.70 10.27 -0.30
CA ASN A 639 -22.71 10.38 -1.77
C ASN A 639 -23.95 11.10 -2.26
N ILE A 640 -25.12 10.76 -1.71
CA ILE A 640 -26.35 11.36 -2.21
C ILE A 640 -26.44 12.82 -1.83
N THR A 641 -26.03 13.18 -0.61
CA THR A 641 -26.10 14.59 -0.22
C THR A 641 -25.01 15.41 -0.92
N PHE A 642 -23.81 14.84 -1.10
CA PHE A 642 -22.74 15.42 -1.88
C PHE A 642 -22.42 16.85 -1.43
N GLU A 643 -21.93 16.93 -0.18
CA GLU A 643 -21.48 18.19 0.41
C GLU A 643 -22.57 19.26 0.37
N SER A 644 -23.79 18.87 0.71
CA SER A 644 -24.92 19.78 0.80
C SER A 644 -25.65 19.53 2.12
N PRO A 645 -26.29 20.56 2.66
CA PRO A 645 -27.03 20.37 3.92
C PRO A 645 -28.13 19.33 3.77
N PHE A 646 -28.33 18.55 4.83
CA PHE A 646 -29.28 17.45 4.80
C PHE A 646 -30.66 17.90 5.23
N ASN A 647 -31.69 17.35 4.58
CA ASN A 647 -33.08 17.56 4.95
C ASN A 647 -33.76 16.21 4.99
N LYS A 648 -34.48 15.94 6.09
CA LYS A 648 -35.11 14.62 6.26
C LYS A 648 -36.20 14.39 5.23
N GLN A 649 -37.04 15.40 5.00
CA GLN A 649 -38.15 15.23 4.06
C GLN A 649 -37.64 15.06 2.64
N ARG A 650 -36.67 15.88 2.23
CA ARG A 650 -36.16 15.80 0.87
C ARG A 650 -35.49 14.46 0.60
N TYR A 651 -34.70 13.97 1.56
CA TYR A 651 -34.00 12.70 1.37
C TYR A 651 -34.98 11.55 1.25
N LYS A 652 -36.06 11.57 2.05
CA LYS A 652 -37.01 10.48 2.03
C LYS A 652 -37.65 10.33 0.66
N MET A 653 -38.04 11.43 0.03
CA MET A 653 -38.66 11.38 -1.29
C MET A 653 -37.67 10.87 -2.33
N VAL A 654 -36.39 11.26 -2.22
CA VAL A 654 -35.41 10.93 -3.23
C VAL A 654 -35.14 9.43 -3.27
N ILE A 655 -34.89 8.82 -2.11
CA ILE A 655 -34.61 7.39 -2.09
C ILE A 655 -35.83 6.58 -2.49
N GLU A 656 -37.03 7.04 -2.13
CA GLU A 656 -38.24 6.39 -2.60
C GLU A 656 -38.40 6.54 -4.11
N ALA A 657 -38.07 7.73 -4.64
CA ALA A 657 -38.18 7.95 -6.07
C ALA A 657 -37.20 7.08 -6.84
N CYS A 658 -35.93 7.09 -6.43
CA CYS A 658 -34.94 6.24 -7.09
C CYS A 658 -35.12 4.78 -6.73
N SER A 659 -35.83 4.49 -5.64
CA SER A 659 -36.15 3.13 -5.21
C SER A 659 -34.88 2.29 -5.02
N LEU A 660 -33.83 2.93 -4.52
CA LEU A 660 -32.60 2.23 -4.20
C LEU A 660 -32.54 1.80 -2.74
N GLN A 661 -33.44 2.30 -1.89
CA GLN A 661 -33.44 1.89 -0.48
C GLN A 661 -33.68 0.39 -0.29
N PRO A 662 -34.64 -0.25 -0.95
CA PRO A 662 -34.75 -1.71 -0.81
C PRO A 662 -33.49 -2.45 -1.21
N ASP A 663 -32.73 -1.91 -2.17
CA ASP A 663 -31.47 -2.53 -2.54
C ASP A 663 -30.45 -2.45 -1.40
N ILE A 664 -30.40 -1.31 -0.72
CA ILE A 664 -29.44 -1.16 0.37
C ILE A 664 -29.82 -2.03 1.55
N ASP A 665 -31.10 -2.43 1.65
CA ASP A 665 -31.52 -3.31 2.73
C ASP A 665 -30.76 -4.63 2.67
N ILE A 666 -30.61 -5.19 1.47
CA ILE A 666 -29.88 -6.45 1.32
C ILE A 666 -28.39 -6.27 1.52
N LEU A 667 -27.89 -5.04 1.48
CA LEU A 667 -26.47 -4.80 1.64
C LEU A 667 -26.01 -5.18 3.05
N PRO A 668 -24.73 -5.51 3.22
CA PRO A 668 -24.26 -5.93 4.55
C PRO A 668 -24.48 -4.91 5.65
N HIS A 669 -24.44 -3.62 5.31
CA HIS A 669 -24.74 -2.56 6.26
C HIS A 669 -26.05 -1.88 5.87
N GLY A 670 -26.83 -1.51 6.90
CA GLY A 670 -28.12 -0.91 6.64
C GLY A 670 -28.02 0.39 5.89
N ASP A 671 -27.05 1.23 6.25
CA ASP A 671 -26.80 2.51 5.59
C ASP A 671 -25.37 2.91 5.96
N GLN A 672 -24.93 4.05 5.42
CA GLN A 672 -23.57 4.53 5.63
C GLN A 672 -22.54 3.47 5.25
N THR A 673 -22.83 2.70 4.22
CA THR A 673 -21.87 1.73 3.71
C THR A 673 -20.67 2.45 3.10
N GLN A 674 -19.49 1.88 3.31
CA GLN A 674 -18.26 2.45 2.76
C GLN A 674 -18.10 1.96 1.34
N ILE A 675 -18.61 2.73 0.39
CA ILE A 675 -18.48 2.43 -1.03
C ILE A 675 -17.10 2.91 -1.47
N GLY A 676 -16.13 2.00 -1.48
CA GLY A 676 -14.78 2.33 -1.86
C GLY A 676 -14.64 2.63 -3.35
N GLU A 677 -13.40 2.53 -3.82
CA GLU A 677 -13.13 2.79 -5.22
C GLU A 677 -13.78 1.73 -6.10
N ARG A 678 -14.14 2.14 -7.32
CA ARG A 678 -14.72 1.32 -8.37
C ARG A 678 -16.12 0.80 -8.04
N GLY A 679 -16.66 1.10 -6.85
CA GLY A 679 -17.99 0.65 -6.50
C GLY A 679 -18.13 -0.86 -6.44
N ILE A 680 -17.13 -1.55 -5.88
CA ILE A 680 -17.20 -3.00 -5.76
C ILE A 680 -18.30 -3.41 -4.79
N ASN A 681 -18.48 -2.63 -3.72
CA ASN A 681 -19.50 -2.96 -2.73
C ASN A 681 -20.90 -2.94 -3.34
N LEU A 682 -21.17 -1.96 -4.21
CA LEU A 682 -22.47 -1.82 -4.84
C LEU A 682 -22.48 -2.53 -6.20
N SER A 683 -23.67 -2.64 -6.76
CA SER A 683 -23.87 -3.28 -8.06
C SER A 683 -23.99 -2.24 -9.16
N GLY A 684 -23.84 -2.71 -10.41
CA GLY A 684 -23.86 -1.78 -11.53
C GLY A 684 -25.17 -1.02 -11.64
N GLY A 685 -26.29 -1.74 -11.53
CA GLY A 685 -27.59 -1.08 -11.60
C GLY A 685 -27.83 -0.15 -10.43
N GLN A 686 -27.40 -0.56 -9.23
CA GLN A 686 -27.57 0.28 -8.05
C GLN A 686 -26.74 1.56 -8.16
N ARG A 687 -25.53 1.46 -8.70
CA ARG A 687 -24.68 2.64 -8.84
C ARG A 687 -25.34 3.71 -9.69
N GLN A 688 -25.96 3.29 -10.80
CA GLN A 688 -26.58 4.25 -11.70
C GLN A 688 -27.65 5.06 -10.98
N ARG A 689 -28.41 4.42 -10.10
CA ARG A 689 -29.44 5.14 -9.36
C ARG A 689 -28.82 6.20 -8.45
N ILE A 690 -27.68 5.88 -7.83
CA ILE A 690 -27.07 6.80 -6.88
C ILE A 690 -26.67 8.11 -7.55
N SER A 691 -26.01 8.02 -8.71
CA SER A 691 -25.65 9.24 -9.43
C SER A 691 -26.88 10.02 -9.85
N VAL A 692 -27.93 9.31 -10.27
CA VAL A 692 -29.20 9.98 -10.55
C VAL A 692 -29.81 10.51 -9.27
N ALA A 693 -29.65 9.78 -8.16
CA ALA A 693 -30.13 10.26 -6.88
C ALA A 693 -29.41 11.53 -6.46
N ARG A 694 -28.09 11.58 -6.67
CA ARG A 694 -27.34 12.79 -6.38
C ARG A 694 -27.85 13.96 -7.21
N ALA A 695 -28.15 13.72 -8.49
CA ALA A 695 -28.69 14.76 -9.33
C ALA A 695 -30.08 15.20 -8.86
N LEU A 696 -30.91 14.24 -8.46
CA LEU A 696 -32.28 14.58 -8.08
C LEU A 696 -32.33 15.23 -6.69
N TYR A 697 -31.33 14.99 -5.85
CA TYR A 697 -31.38 15.51 -4.49
C TYR A 697 -31.07 17.00 -4.46
N GLN A 698 -30.11 17.46 -5.27
CA GLN A 698 -29.63 18.83 -5.19
C GLN A 698 -30.73 19.82 -5.58
N GLN A 699 -30.64 21.04 -5.04
CA GLN A 699 -31.60 22.10 -5.36
C GLN A 699 -30.93 23.12 -6.27
N THR A 700 -31.00 22.84 -7.58
CA THR A 700 -30.49 23.74 -8.60
C THR A 700 -31.46 23.78 -9.77
N ASN A 701 -31.39 24.87 -10.54
CA ASN A 701 -32.38 25.10 -11.59
C ASN A 701 -32.17 24.22 -12.81
N VAL A 702 -30.93 23.91 -13.17
CA VAL A 702 -30.62 23.20 -14.41
C VAL A 702 -30.02 21.85 -14.06
N VAL A 703 -30.62 20.79 -14.60
CA VAL A 703 -30.16 19.43 -14.35
C VAL A 703 -29.97 18.71 -15.68
N PHE A 704 -28.80 18.11 -15.86
CA PHE A 704 -28.48 17.31 -17.04
C PHE A 704 -28.34 15.87 -16.60
N LEU A 705 -29.37 15.06 -16.85
CA LEU A 705 -29.35 13.64 -16.52
C LEU A 705 -28.95 12.88 -17.78
N ASP A 706 -27.70 12.42 -17.82
CA ASP A 706 -27.13 11.77 -19.00
C ASP A 706 -27.39 10.28 -18.92
N ASP A 707 -28.44 9.83 -19.61
CA ASP A 707 -28.83 8.44 -19.66
C ASP A 707 -29.01 7.83 -18.26
N PRO A 708 -30.03 8.26 -17.52
CA PRO A 708 -30.28 7.64 -16.20
C PRO A 708 -30.69 6.18 -16.29
N PHE A 709 -31.18 5.72 -17.44
CA PHE A 709 -31.65 4.35 -17.60
C PHE A 709 -30.67 3.49 -18.38
N SER A 710 -29.37 3.76 -18.25
CA SER A 710 -28.37 2.94 -18.95
C SER A 710 -28.38 1.51 -18.43
N ALA A 711 -28.45 1.34 -17.11
CA ALA A 711 -28.50 0.02 -16.49
C ALA A 711 -29.61 0.00 -15.45
N LEU A 712 -30.73 0.63 -15.77
CA LEU A 712 -31.89 0.66 -14.91
C LEU A 712 -33.00 -0.21 -15.49
N ASP A 713 -33.57 -1.05 -14.63
CA ASP A 713 -34.61 -1.97 -15.07
C ASP A 713 -35.83 -1.19 -15.55
N VAL A 714 -36.55 -1.79 -16.51
CA VAL A 714 -37.68 -1.10 -17.13
C VAL A 714 -38.76 -0.78 -16.09
N HIS A 715 -38.96 -1.68 -15.14
CA HIS A 715 -39.95 -1.43 -14.09
C HIS A 715 -39.56 -0.25 -13.22
N LEU A 716 -38.31 -0.23 -12.74
CA LEU A 716 -37.86 0.86 -11.89
C LEU A 716 -37.68 2.15 -12.69
N SER A 717 -37.35 2.03 -13.97
CA SER A 717 -37.11 3.21 -14.80
C SER A 717 -38.36 4.08 -14.89
N ASP A 718 -39.52 3.46 -15.10
CA ASP A 718 -40.77 4.21 -15.05
C ASP A 718 -41.01 4.80 -13.68
N HIS A 719 -40.67 4.04 -12.62
CA HIS A 719 -40.85 4.54 -11.26
C HIS A 719 -39.98 5.76 -10.99
N LEU A 720 -38.72 5.72 -11.45
CA LEU A 720 -37.83 6.87 -11.25
C LEU A 720 -38.27 8.06 -12.11
N MET A 721 -38.71 7.80 -13.35
CA MET A 721 -39.09 8.88 -14.24
C MET A 721 -40.39 9.53 -13.78
N GLN A 722 -41.40 8.72 -13.46
CA GLN A 722 -42.69 9.28 -13.08
C GLN A 722 -42.61 10.03 -11.74
N ALA A 723 -42.04 9.38 -10.72
CA ALA A 723 -41.98 10.00 -9.41
C ALA A 723 -40.92 11.08 -9.33
N GLY A 724 -39.74 10.81 -9.88
CA GLY A 724 -38.62 11.73 -9.75
C GLY A 724 -38.56 12.82 -10.82
N ILE A 725 -38.48 12.41 -12.08
CA ILE A 725 -38.31 13.39 -13.15
C ILE A 725 -39.56 14.26 -13.27
N LEU A 726 -40.74 13.65 -13.23
CA LEU A 726 -41.99 14.36 -13.43
C LEU A 726 -42.62 14.84 -12.14
N GLU A 727 -42.86 13.93 -11.19
CA GLU A 727 -43.55 14.31 -9.96
C GLU A 727 -42.66 15.03 -8.97
N LEU A 728 -41.34 14.96 -9.13
CA LEU A 728 -40.41 15.64 -8.24
C LEU A 728 -39.58 16.70 -8.95
N LEU A 729 -38.86 16.33 -10.01
CA LEU A 729 -38.00 17.29 -10.68
C LEU A 729 -38.81 18.31 -11.48
N ARG A 730 -39.82 17.84 -12.22
CA ARG A 730 -40.66 18.75 -12.98
C ARG A 730 -41.60 19.52 -12.06
N ASP A 731 -41.93 18.97 -10.91
CA ASP A 731 -42.79 19.66 -9.95
C ASP A 731 -42.14 20.93 -9.41
N ASP A 732 -40.84 20.90 -9.14
CA ASP A 732 -40.15 22.03 -8.53
C ASP A 732 -39.83 23.15 -9.52
N LYS A 733 -40.41 23.09 -10.72
CA LYS A 733 -40.10 24.06 -11.78
C LYS A 733 -38.60 24.11 -12.05
N ARG A 734 -38.03 22.94 -12.30
CA ARG A 734 -36.59 22.79 -12.51
C ARG A 734 -36.33 22.36 -13.95
N THR A 735 -35.35 23.00 -14.58
CA THR A 735 -34.99 22.67 -15.95
C THR A 735 -34.28 21.33 -16.01
N VAL A 736 -34.88 20.37 -16.71
CA VAL A 736 -34.38 19.01 -16.78
C VAL A 736 -34.07 18.67 -18.22
N VAL A 737 -32.89 18.12 -18.46
CA VAL A 737 -32.48 17.64 -19.78
C VAL A 737 -32.09 16.18 -19.66
N LEU A 738 -32.75 15.32 -20.43
CA LEU A 738 -32.56 13.88 -20.34
C LEU A 738 -32.20 13.33 -21.70
N VAL A 739 -31.25 12.40 -21.72
CA VAL A 739 -30.78 11.82 -22.97
C VAL A 739 -30.67 10.31 -22.84
N THR A 740 -31.68 9.59 -23.31
CA THR A 740 -31.70 8.14 -23.21
C THR A 740 -32.28 7.53 -24.47
N HIS A 741 -32.02 6.23 -24.65
CA HIS A 741 -32.53 5.50 -25.80
C HIS A 741 -34.01 5.18 -25.68
N LYS A 742 -34.51 5.00 -24.46
CA LYS A 742 -35.91 4.63 -24.24
C LYS A 742 -36.80 5.81 -24.64
N LEU A 743 -37.53 5.65 -25.75
CA LEU A 743 -38.41 6.68 -26.27
C LEU A 743 -39.81 6.62 -25.69
N GLN A 744 -40.07 5.68 -24.77
CA GLN A 744 -41.40 5.58 -24.20
C GLN A 744 -41.77 6.82 -23.40
N TYR A 745 -40.79 7.54 -22.87
CA TYR A 745 -41.02 8.74 -22.08
C TYR A 745 -40.96 10.01 -22.92
N LEU A 746 -40.75 9.88 -24.23
CA LEU A 746 -40.77 11.05 -25.09
C LEU A 746 -42.07 11.85 -25.04
N PRO A 747 -43.26 11.24 -25.04
CA PRO A 747 -44.49 12.06 -24.96
C PRO A 747 -44.55 12.93 -23.72
N HIS A 748 -44.01 12.46 -22.60
CA HIS A 748 -44.00 13.26 -21.37
C HIS A 748 -42.74 14.13 -21.35
N ALA A 749 -42.69 15.05 -22.30
CA ALA A 749 -41.55 15.95 -22.44
C ALA A 749 -42.01 17.22 -23.14
N ASP A 750 -41.68 18.37 -22.57
CA ASP A 750 -42.03 19.65 -23.18
C ASP A 750 -41.29 19.84 -24.50
N TRP A 751 -40.02 19.48 -24.54
CA TRP A 751 -39.19 19.66 -25.73
C TRP A 751 -38.41 18.39 -25.99
N ILE A 752 -38.08 18.17 -27.26
CA ILE A 752 -37.28 17.00 -27.66
C ILE A 752 -36.47 17.37 -28.89
N ILE A 753 -35.23 16.88 -28.94
CA ILE A 753 -34.32 17.18 -30.04
C ILE A 753 -33.88 15.88 -30.69
N ALA A 754 -33.49 15.97 -31.96
CA ALA A 754 -33.07 14.82 -32.74
C ALA A 754 -31.63 15.03 -33.20
N MET A 755 -30.80 14.01 -33.00
CA MET A 755 -29.39 14.06 -33.36
C MET A 755 -29.14 13.17 -34.57
N LYS A 756 -28.41 13.70 -35.55
CA LYS A 756 -28.06 12.95 -36.75
C LYS A 756 -26.67 13.35 -37.19
N ASP A 757 -25.75 12.38 -37.20
CA ASP A 757 -24.37 12.59 -37.65
C ASP A 757 -23.70 13.73 -36.89
N GLY A 758 -23.97 13.81 -35.59
CA GLY A 758 -23.37 14.84 -34.76
C GLY A 758 -23.88 16.24 -35.04
N THR A 759 -25.06 16.36 -35.66
CA THR A 759 -25.68 17.65 -35.93
C THR A 759 -27.11 17.63 -35.42
N ILE A 760 -27.55 18.77 -34.89
CA ILE A 760 -28.92 18.92 -34.41
C ILE A 760 -29.77 19.25 -35.63
N GLN A 761 -30.34 18.21 -36.24
CA GLN A 761 -31.14 18.41 -37.45
C GLN A 761 -32.38 19.24 -37.15
N ARG A 762 -33.14 18.84 -36.14
CA ARG A 762 -34.36 19.56 -35.76
C ARG A 762 -34.50 19.49 -34.24
N GLU A 763 -35.18 20.49 -33.68
CA GLU A 763 -35.45 20.57 -32.26
C GLU A 763 -36.84 21.19 -32.08
N GLY A 764 -37.84 20.35 -31.83
CA GLY A 764 -39.20 20.84 -31.71
C GLY A 764 -40.01 19.95 -30.79
N THR A 765 -41.28 20.33 -30.64
CA THR A 765 -42.18 19.58 -29.78
C THR A 765 -42.63 18.28 -30.45
N LEU A 766 -43.43 17.50 -29.72
CA LEU A 766 -43.92 16.24 -30.25
C LEU A 766 -44.80 16.46 -31.48
N LYS A 767 -45.69 17.46 -31.42
CA LYS A 767 -46.54 17.77 -32.56
C LYS A 767 -45.71 18.28 -33.73
N ASP A 768 -44.76 19.18 -33.47
CA ASP A 768 -43.93 19.72 -34.53
C ASP A 768 -43.06 18.64 -35.17
N PHE A 769 -42.47 17.77 -34.35
CA PHE A 769 -41.64 16.70 -34.89
C PHE A 769 -42.44 15.74 -35.75
N GLN A 770 -43.65 15.36 -35.29
CA GLN A 770 -44.47 14.43 -36.04
C GLN A 770 -44.91 15.01 -37.37
N ARG A 771 -45.27 16.30 -37.40
CA ARG A 771 -45.65 16.94 -38.64
C ARG A 771 -44.49 17.01 -39.62
N SER A 772 -43.29 17.30 -39.12
CA SER A 772 -42.12 17.39 -39.99
C SER A 772 -41.70 16.01 -40.49
N GLU A 773 -41.63 15.03 -39.60
CA GLU A 773 -41.20 13.69 -39.98
C GLU A 773 -42.16 12.62 -39.47
N PRO A 849 7.71 -6.63 20.84
CA PRO A 849 7.24 -7.99 21.15
C PRO A 849 8.35 -9.02 21.05
N TRP A 850 9.10 -9.21 22.13
CA TRP A 850 10.22 -10.14 22.09
C TRP A 850 9.77 -11.57 21.86
N ARG A 851 8.52 -11.90 22.17
CA ARG A 851 8.01 -13.24 21.89
C ARG A 851 7.92 -13.49 20.39
N ALA A 852 7.68 -12.44 19.61
CA ALA A 852 7.69 -12.58 18.16
C ALA A 852 9.11 -12.64 17.61
N CYS A 853 10.03 -11.90 18.23
CA CYS A 853 11.43 -11.95 17.81
C CYS A 853 12.01 -13.33 18.00
N THR A 854 11.67 -13.99 19.11
CA THR A 854 12.08 -15.37 19.31
C THR A 854 11.52 -16.27 18.22
N LYS A 855 10.26 -16.06 17.85
CA LYS A 855 9.65 -16.85 16.77
C LYS A 855 10.35 -16.59 15.44
N TYR A 856 10.80 -15.35 15.21
CA TYR A 856 11.54 -15.05 13.99
C TYR A 856 12.87 -15.77 13.97
N LEU A 857 13.66 -15.64 15.03
CA LEU A 857 15.00 -16.22 15.04
C LEU A 857 14.95 -17.73 15.25
N SER A 858 13.80 -18.26 15.72
CA SER A 858 13.67 -19.69 15.84
C SER A 858 13.71 -20.38 14.50
N SER A 859 13.08 -19.80 13.48
CA SER A 859 12.96 -20.44 12.18
C SER A 859 14.27 -20.41 11.40
N ALA A 860 15.22 -19.58 11.79
CA ALA A 860 16.47 -19.44 11.03
C ALA A 860 17.26 -20.74 11.02
N GLY A 861 17.30 -21.43 12.15
CA GLY A 861 18.10 -22.63 12.27
C GLY A 861 19.17 -22.45 13.32
N ILE A 862 19.39 -23.49 14.14
CA ILE A 862 20.37 -23.39 15.20
C ILE A 862 21.78 -23.19 14.63
N LEU A 863 22.05 -23.81 13.47
CA LEU A 863 23.38 -23.65 12.87
C LEU A 863 23.64 -22.20 12.46
N LEU A 864 22.71 -21.61 11.70
CA LEU A 864 22.89 -20.22 11.28
C LEU A 864 22.84 -19.27 12.46
N LEU A 865 21.92 -19.51 13.40
CA LEU A 865 21.80 -18.62 14.55
C LEU A 865 23.07 -18.65 15.40
N SER A 866 23.68 -19.82 15.54
CA SER A 866 24.97 -19.90 16.22
C SER A 866 26.05 -19.18 15.44
N LEU A 867 26.08 -19.35 14.12
CA LEU A 867 27.07 -18.65 13.31
C LEU A 867 26.82 -17.15 13.29
N LEU A 868 25.55 -16.75 13.36
CA LEU A 868 25.23 -15.33 13.37
C LEU A 868 25.72 -14.67 14.64
N VAL A 869 25.41 -15.26 15.79
CA VAL A 869 25.77 -14.66 17.08
C VAL A 869 27.28 -14.71 17.29
N PHE A 870 27.89 -15.85 17.00
CA PHE A 870 29.32 -16.00 17.27
C PHE A 870 30.15 -15.12 16.34
N SER A 871 29.66 -14.82 15.14
CA SER A 871 30.41 -13.94 14.25
C SER A 871 30.34 -12.49 14.72
N GLN A 872 29.17 -12.05 15.19
CA GLN A 872 29.05 -10.69 15.69
C GLN A 872 29.95 -10.48 16.90
N LEU A 873 29.83 -11.35 17.91
CA LEU A 873 30.62 -11.18 19.13
C LEU A 873 32.11 -11.31 18.83
N LEU A 874 32.48 -12.16 17.89
CA LEU A 874 33.89 -12.31 17.58
C LEU A 874 34.39 -11.14 16.73
N LYS A 875 33.52 -10.51 15.95
CA LYS A 875 33.96 -9.37 15.16
C LYS A 875 34.25 -8.17 16.03
N HIS A 876 33.38 -7.90 17.01
CA HIS A 876 33.58 -6.76 17.89
C HIS A 876 34.55 -7.06 19.01
N MET A 877 35.07 -8.28 19.09
CA MET A 877 36.27 -8.52 19.89
C MET A 877 37.52 -8.35 19.05
N VAL A 878 37.36 -8.19 17.73
CA VAL A 878 38.48 -7.84 16.88
C VAL A 878 38.52 -6.33 16.64
N LEU A 879 37.36 -5.72 16.40
CA LEU A 879 37.31 -4.28 16.17
C LEU A 879 37.74 -3.47 17.39
N VAL A 880 37.82 -4.09 18.56
CA VAL A 880 38.34 -3.41 19.75
C VAL A 880 39.78 -3.82 19.94
N ALA A 881 40.09 -5.10 19.74
CA ALA A 881 41.47 -5.55 19.84
C ALA A 881 42.35 -4.90 18.78
N ILE A 882 41.74 -4.38 17.71
CA ILE A 882 42.51 -3.55 16.77
C ILE A 882 42.82 -2.20 17.39
N ASP A 883 41.79 -1.52 17.92
CA ASP A 883 41.99 -0.20 18.48
C ASP A 883 42.83 -0.25 19.75
N TYR A 884 42.62 -1.25 20.60
CA TYR A 884 43.47 -1.38 21.77
C TYR A 884 44.91 -1.62 21.38
N TRP A 885 45.14 -2.41 20.33
CA TRP A 885 46.51 -2.66 19.89
C TRP A 885 47.17 -1.39 19.40
N LEU A 886 46.41 -0.49 18.80
CA LEU A 886 46.97 0.81 18.43
C LEU A 886 47.45 1.55 19.65
N ALA A 887 46.69 1.51 20.75
CA ALA A 887 47.11 2.18 21.97
C ALA A 887 48.34 1.53 22.57
N LYS A 888 48.48 0.22 22.41
CA LYS A 888 49.71 -0.44 22.83
C LYS A 888 50.86 -0.21 21.86
N TRP A 889 50.55 -0.02 20.58
CA TRP A 889 51.60 0.21 19.58
C TRP A 889 52.31 1.53 19.82
N THR A 890 51.55 2.61 19.96
CA THR A 890 52.15 3.94 19.95
C THR A 890 53.14 4.12 21.09
N ASP A 891 52.90 3.48 22.22
CA ASP A 891 53.81 3.58 23.36
C ASP A 891 54.98 2.61 23.22
N ASP A 912 61.36 -3.12 18.76
CA ASP A 912 60.67 -3.65 17.60
C ASP A 912 59.49 -2.78 17.20
N GLN A 913 59.50 -2.30 15.96
CA GLN A 913 58.38 -1.56 15.41
C GLN A 913 57.79 -2.19 14.17
N SER A 914 58.51 -3.10 13.52
CA SER A 914 57.89 -3.91 12.47
C SER A 914 57.00 -5.00 13.05
N VAL A 915 57.30 -5.44 14.29
CA VAL A 915 56.48 -6.46 14.93
C VAL A 915 55.07 -5.95 15.15
N TYR A 916 54.93 -4.72 15.62
CA TYR A 916 53.60 -4.17 15.86
C TYR A 916 52.81 -4.06 14.57
N ALA A 917 53.47 -3.70 13.47
CA ALA A 917 52.79 -3.66 12.19
C ALA A 917 52.32 -5.04 11.78
N MET A 918 53.09 -6.07 12.10
CA MET A 918 52.72 -7.44 11.73
C MET A 918 51.42 -7.86 12.41
N VAL A 919 51.30 -7.61 13.71
CA VAL A 919 50.08 -7.99 14.41
C VAL A 919 48.93 -7.09 14.01
N PHE A 920 49.18 -5.80 13.81
CA PHE A 920 48.10 -4.89 13.47
C PHE A 920 47.57 -5.16 12.06
N THR A 921 48.45 -5.56 11.13
CA THR A 921 47.98 -5.94 9.81
C THR A 921 47.14 -7.21 9.86
N LEU A 922 47.58 -8.19 10.64
CA LEU A 922 46.81 -9.43 10.79
C LEU A 922 45.44 -9.16 11.36
N LEU A 923 45.36 -8.32 12.41
CA LEU A 923 44.07 -8.03 13.03
C LEU A 923 43.17 -7.23 12.10
N CYS A 924 43.76 -6.34 11.29
CA CYS A 924 42.95 -5.62 10.32
C CYS A 924 42.38 -6.57 9.26
N SER A 925 43.16 -7.56 8.85
CA SER A 925 42.65 -8.55 7.91
C SER A 925 41.61 -9.44 8.56
N LEU A 926 41.85 -9.84 9.82
CA LEU A 926 40.87 -10.66 10.53
C LEU A 926 39.61 -9.86 10.81
N GLY A 927 39.73 -8.54 10.99
CA GLY A 927 38.55 -7.71 11.11
C GLY A 927 37.80 -7.61 9.80
N ILE A 928 38.52 -7.58 8.68
CA ILE A 928 37.88 -7.48 7.37
C ILE A 928 37.20 -8.80 7.01
N VAL A 929 37.88 -9.92 7.26
CA VAL A 929 37.29 -11.22 6.94
C VAL A 929 36.01 -11.43 7.73
N LEU A 930 36.03 -11.12 9.03
CA LEU A 930 34.83 -11.27 9.84
C LEU A 930 33.75 -10.28 9.43
N CYS A 931 34.12 -9.13 8.86
CA CYS A 931 33.12 -8.21 8.33
C CYS A 931 32.42 -8.81 7.13
N LEU A 932 33.10 -9.69 6.40
CA LEU A 932 32.48 -10.39 5.29
C LEU A 932 31.55 -11.49 5.79
N VAL A 933 31.98 -12.23 6.82
CA VAL A 933 31.18 -13.34 7.33
C VAL A 933 29.92 -12.83 8.02
N THR A 934 30.04 -11.78 8.83
CA THR A 934 28.88 -11.24 9.51
C THR A 934 27.98 -10.43 8.59
N SER A 935 28.40 -10.17 7.36
CA SER A 935 27.53 -9.53 6.38
C SER A 935 26.76 -10.54 5.54
N VAL A 936 27.38 -11.68 5.24
CA VAL A 936 26.66 -12.74 4.53
C VAL A 936 25.61 -13.38 5.42
N THR A 937 25.99 -13.69 6.67
CA THR A 937 25.12 -14.51 7.52
C THR A 937 23.81 -13.81 7.82
N VAL A 938 23.83 -12.51 8.11
CA VAL A 938 22.58 -11.81 8.41
C VAL A 938 21.68 -11.81 7.19
N GLU A 939 22.25 -11.76 5.99
CA GLU A 939 21.43 -11.82 4.80
C GLU A 939 21.07 -13.25 4.44
N TRP A 940 22.00 -14.19 4.61
CA TRP A 940 21.69 -15.59 4.39
C TRP A 940 20.60 -16.06 5.34
N THR A 941 20.66 -15.62 6.60
CA THR A 941 19.59 -15.91 7.54
C THR A 941 18.30 -15.22 7.12
N GLY A 942 18.41 -13.99 6.62
CA GLY A 942 17.21 -13.25 6.26
C GLY A 942 16.41 -13.93 5.17
N LEU A 943 17.09 -14.60 4.26
CA LEU A 943 16.37 -15.33 3.21
C LEU A 943 15.79 -16.64 3.74
N LYS A 944 16.50 -17.29 4.67
CA LYS A 944 16.05 -18.59 5.15
C LYS A 944 14.74 -18.47 5.90
N VAL A 945 14.60 -17.42 6.72
CA VAL A 945 13.34 -17.20 7.42
C VAL A 945 12.26 -16.74 6.47
N ALA A 946 12.60 -15.82 5.56
CA ALA A 946 11.60 -15.27 4.65
C ALA A 946 11.03 -16.33 3.73
N LYS A 947 11.83 -17.33 3.40
CA LYS A 947 11.34 -18.43 2.57
C LYS A 947 10.42 -19.36 3.37
N ARG A 948 10.83 -19.71 4.58
CA ARG A 948 10.05 -20.67 5.36
C ARG A 948 8.78 -20.04 5.91
N LEU A 949 8.86 -18.78 6.32
CA LEU A 949 7.71 -18.16 6.97
C LEU A 949 6.54 -18.01 6.00
N HIS A 950 6.81 -17.64 4.76
CA HIS A 950 5.72 -17.55 3.78
C HIS A 950 5.19 -18.94 3.42
N ARG A 951 6.08 -19.87 3.11
CA ARG A 951 5.63 -21.19 2.69
C ARG A 951 4.83 -21.87 3.79
N SER A 952 5.22 -21.68 5.05
CA SER A 952 4.45 -22.24 6.15
C SER A 952 3.13 -21.50 6.32
N LEU A 953 3.09 -20.23 5.93
CA LEU A 953 1.84 -19.47 6.02
C LEU A 953 0.85 -19.93 4.97
N LEU A 954 1.31 -20.11 3.73
CA LEU A 954 0.41 -20.42 2.64
C LEU A 954 -0.29 -21.75 2.87
N ASN A 955 0.45 -22.76 3.33
CA ASN A 955 -0.13 -24.08 3.52
C ASN A 955 -1.07 -24.14 4.71
N ARG A 956 -1.14 -23.08 5.52
CA ARG A 956 -2.04 -23.08 6.66
C ARG A 956 -3.42 -22.57 6.29
N ILE A 957 -3.49 -21.42 5.60
CA ILE A 957 -4.78 -20.87 5.20
C ILE A 957 -5.49 -21.75 4.18
N ILE A 958 -4.74 -22.55 3.40
CA ILE A 958 -5.37 -23.45 2.44
C ILE A 958 -6.22 -24.49 3.16
N LEU A 959 -5.75 -24.95 4.32
CA LEU A 959 -6.46 -25.98 5.08
C LEU A 959 -7.50 -25.41 6.03
N ALA A 960 -7.65 -24.09 6.07
CA ALA A 960 -8.67 -23.50 6.94
C ALA A 960 -10.07 -23.85 6.41
N PRO A 961 -11.01 -24.10 7.31
CA PRO A 961 -12.37 -24.43 6.87
C PRO A 961 -13.02 -23.23 6.17
N MET A 962 -14.04 -23.53 5.36
CA MET A 962 -14.72 -22.48 4.60
C MET A 962 -15.27 -21.40 5.51
N ARG A 963 -15.63 -21.75 6.75
CA ARG A 963 -16.17 -20.75 7.67
C ARG A 963 -15.14 -19.66 7.98
N PHE A 964 -13.85 -19.98 7.91
CA PHE A 964 -12.84 -18.98 8.23
C PHE A 964 -12.77 -17.91 7.15
N PHE A 965 -12.99 -18.28 5.90
CA PHE A 965 -12.86 -17.30 4.83
C PHE A 965 -14.06 -16.35 4.78
N GLU A 966 -15.25 -16.83 5.13
CA GLU A 966 -16.42 -15.96 5.11
C GLU A 966 -16.40 -15.01 6.31
N THR A 967 -16.03 -15.51 7.49
CA THR A 967 -16.04 -14.68 8.68
C THR A 967 -14.97 -13.59 8.63
N THR A 968 -13.75 -13.96 8.31
CA THR A 968 -12.64 -13.00 8.30
C THR A 968 -12.63 -12.23 6.99
N PRO A 969 -12.57 -10.90 7.03
CA PRO A 969 -12.51 -10.13 5.79
C PRO A 969 -11.27 -10.48 4.98
N LEU A 970 -11.45 -10.47 3.65
CA LEU A 970 -10.35 -10.81 2.75
C LEU A 970 -9.17 -9.87 2.91
N GLY A 971 -9.42 -8.61 3.27
CA GLY A 971 -8.33 -7.67 3.43
C GLY A 971 -7.35 -8.10 4.51
N SER A 972 -7.85 -8.73 5.56
CA SER A 972 -6.97 -9.18 6.64
C SER A 972 -5.99 -10.24 6.15
N ILE A 973 -6.47 -11.21 5.40
CA ILE A 973 -5.60 -12.30 4.94
C ILE A 973 -4.62 -11.80 3.89
N LEU A 974 -5.09 -11.03 2.92
CA LEU A 974 -4.26 -10.66 1.79
C LEU A 974 -3.09 -9.76 2.19
N ASN A 975 -3.33 -8.81 3.09
CA ASN A 975 -2.26 -7.88 3.46
C ASN A 975 -1.11 -8.60 4.13
N ARG A 976 -1.35 -9.80 4.67
CA ARG A 976 -0.24 -10.60 5.19
C ARG A 976 0.70 -11.03 4.07
N PHE A 977 0.15 -11.41 2.92
CA PHE A 977 0.97 -11.83 1.80
C PHE A 977 1.59 -10.65 1.05
N SER A 978 1.08 -9.44 1.23
CA SER A 978 1.57 -8.30 0.47
C SER A 978 2.63 -7.52 1.25
N SER A 979 2.27 -7.02 2.42
CA SER A 979 3.15 -6.16 3.20
C SER A 979 4.01 -6.92 4.20
N ASP A 980 3.40 -7.80 5.00
CA ASP A 980 4.17 -8.51 6.03
C ASP A 980 5.20 -9.45 5.41
N CYS A 981 4.84 -10.14 4.34
CA CYS A 981 5.84 -10.95 3.65
C CYS A 981 6.83 -10.10 2.89
N ASN A 982 6.54 -8.80 2.74
CA ASN A 982 7.51 -7.88 2.16
C ASN A 982 8.44 -7.32 3.23
N THR A 983 7.88 -6.97 4.39
CA THR A 983 8.72 -6.46 5.48
C THR A 983 9.77 -7.47 5.90
N ILE A 984 9.37 -8.74 6.01
CA ILE A 984 10.31 -9.80 6.37
C ILE A 984 11.31 -10.03 5.24
N ASP A 985 10.87 -9.92 3.99
CA ASP A 985 11.76 -10.19 2.87
C ASP A 985 12.91 -9.20 2.82
N GLN A 986 12.62 -7.91 2.98
CA GLN A 986 13.59 -6.88 2.63
C GLN A 986 13.96 -5.94 3.76
N HIS A 987 13.15 -5.82 4.80
CA HIS A 987 13.40 -4.81 5.83
C HIS A 987 13.94 -5.38 7.13
N ILE A 988 13.40 -6.50 7.61
CA ILE A 988 13.90 -7.06 8.87
C ILE A 988 15.37 -7.47 8.79
N PRO A 989 15.81 -8.24 7.78
CA PRO A 989 17.22 -8.65 7.79
C PRO A 989 18.20 -7.49 7.78
N SER A 990 17.86 -6.41 7.07
CA SER A 990 18.73 -5.23 7.07
C SER A 990 18.65 -4.50 8.41
N THR A 991 17.45 -4.34 8.96
CA THR A 991 17.33 -3.67 10.25
C THR A 991 17.98 -4.48 11.36
N LEU A 992 17.80 -5.81 11.33
CA LEU A 992 18.41 -6.65 12.36
C LEU A 992 19.93 -6.50 12.37
N GLU A 993 20.52 -6.25 11.20
CA GLU A 993 21.95 -5.98 11.16
C GLU A 993 22.28 -4.61 11.76
N CYS A 994 21.48 -3.60 11.43
CA CYS A 994 21.74 -2.26 11.95
C CYS A 994 21.60 -2.22 13.46
N LEU A 995 20.60 -2.92 14.00
CA LEU A 995 20.41 -2.92 15.46
C LEU A 995 21.46 -3.77 16.15
N SER A 996 21.82 -4.92 15.56
CA SER A 996 22.82 -5.77 16.17
C SER A 996 24.21 -5.17 16.07
N ARG A 997 24.49 -4.43 14.99
CA ARG A 997 25.80 -3.81 14.86
C ARG A 997 25.93 -2.62 15.80
N SER A 998 24.87 -1.82 15.95
CA SER A 998 24.96 -0.64 16.81
C SER A 998 24.99 -1.02 18.28
N THR A 999 24.18 -2.01 18.68
CA THR A 999 24.13 -2.41 20.07
C THR A 999 25.49 -2.92 20.54
N LEU A 1000 26.14 -3.76 19.74
CA LEU A 1000 27.44 -4.27 20.12
C LEU A 1000 28.51 -3.17 20.11
N LEU A 1001 28.41 -2.23 19.18
CA LEU A 1001 29.34 -1.12 19.18
C LEU A 1001 29.20 -0.28 20.45
N CYS A 1002 27.95 -0.02 20.86
CA CYS A 1002 27.73 0.79 22.06
C CYS A 1002 28.15 0.05 23.31
N VAL A 1003 28.08 -1.28 23.29
CA VAL A 1003 28.64 -2.06 24.39
C VAL A 1003 30.16 -2.04 24.36
N SER A 1004 30.75 -2.14 23.16
CA SER A 1004 32.20 -2.02 23.04
C SER A 1004 32.67 -0.62 23.39
N ALA A 1005 31.94 0.40 22.94
CA ALA A 1005 32.33 1.77 23.24
C ALA A 1005 32.29 2.05 24.73
N LEU A 1006 31.29 1.52 25.42
CA LEU A 1006 31.18 1.73 26.86
C LEU A 1006 32.07 0.80 27.66
N THR A 1007 32.63 -0.25 27.06
CA THR A 1007 33.57 -1.11 27.76
C THR A 1007 35.00 -0.59 27.65
N VAL A 1008 35.43 -0.20 26.44
CA VAL A 1008 36.76 0.35 26.28
C VAL A 1008 36.90 1.65 27.05
N ILE A 1009 35.87 2.50 27.00
CA ILE A 1009 35.90 3.76 27.72
C ILE A 1009 35.87 3.54 29.23
N SER A 1010 35.45 2.36 29.68
CA SER A 1010 35.41 2.06 31.11
C SER A 1010 36.69 1.38 31.59
N TYR A 1011 37.33 0.58 30.73
CA TYR A 1011 38.60 -0.03 31.10
C TYR A 1011 39.71 1.01 31.18
N VAL A 1012 39.62 2.07 30.37
CA VAL A 1012 40.61 3.14 30.45
C VAL A 1012 40.48 3.88 31.78
N THR A 1013 39.25 4.26 32.14
CA THR A 1013 38.97 4.99 33.37
C THR A 1013 37.93 4.23 34.17
N PRO A 1014 38.33 3.38 35.12
CA PRO A 1014 37.34 2.62 35.88
C PRO A 1014 36.38 3.48 36.68
N VAL A 1015 36.75 4.72 37.01
CA VAL A 1015 35.85 5.62 37.72
C VAL A 1015 34.62 5.98 36.90
N PHE A 1016 34.67 5.78 35.59
CA PHE A 1016 33.54 6.08 34.73
C PHE A 1016 32.34 5.19 35.03
N LEU A 1017 32.54 4.01 35.63
CA LEU A 1017 31.42 3.13 35.93
C LEU A 1017 30.45 3.77 36.92
N VAL A 1018 30.95 4.65 37.78
CA VAL A 1018 30.08 5.33 38.74
C VAL A 1018 29.06 6.20 38.02
N ALA A 1019 29.50 6.91 36.97
CA ALA A 1019 28.61 7.74 36.20
C ALA A 1019 27.85 6.97 35.13
N LEU A 1020 28.09 5.66 35.00
CA LEU A 1020 27.37 4.89 33.99
C LEU A 1020 25.95 4.57 34.44
N LEU A 1021 25.76 4.34 35.74
CA LEU A 1021 24.41 4.06 36.24
C LEU A 1021 23.46 5.23 36.04
N PRO A 1022 23.80 6.47 36.42
CA PRO A 1022 22.89 7.58 36.09
C PRO A 1022 22.64 7.73 34.61
N LEU A 1023 23.67 7.54 33.78
CA LEU A 1023 23.49 7.72 32.35
C LEU A 1023 22.86 6.49 31.70
N ALA A 1024 22.73 5.39 32.45
CA ALA A 1024 21.95 4.27 31.95
C ALA A 1024 20.47 4.44 32.27
N VAL A 1025 20.17 4.98 33.45
CA VAL A 1025 18.77 5.22 33.83
C VAL A 1025 18.18 6.35 32.99
N VAL A 1026 18.91 7.44 32.82
CA VAL A 1026 18.43 8.55 32.01
C VAL A 1026 18.25 8.11 30.56
N CYS A 1027 19.22 7.34 30.04
CA CYS A 1027 19.14 6.94 28.64
C CYS A 1027 18.04 5.91 28.42
N TYR A 1028 17.55 5.28 29.49
CA TYR A 1028 16.44 4.35 29.31
C TYR A 1028 15.12 5.09 29.14
N PHE A 1029 14.84 6.07 30.00
CA PHE A 1029 13.58 6.78 29.92
C PHE A 1029 13.45 7.55 28.61
N ILE A 1030 14.54 8.19 28.18
CA ILE A 1030 14.52 8.90 26.90
C ILE A 1030 14.18 7.94 25.78
N GLN A 1031 14.71 6.72 25.84
CA GLN A 1031 14.33 5.71 24.86
C GLN A 1031 12.87 5.32 25.01
N LYS A 1032 12.37 5.19 26.23
CA LYS A 1032 11.00 4.73 26.43
C LYS A 1032 10.00 5.74 25.90
N TYR A 1033 10.14 7.00 26.31
CA TYR A 1033 9.16 8.00 25.89
C TYR A 1033 9.21 8.22 24.40
N PHE A 1034 10.36 7.98 23.76
CA PHE A 1034 10.42 8.11 22.32
C PHE A 1034 9.67 6.98 21.62
N ARG A 1035 9.92 5.74 22.03
CA ARG A 1035 9.29 4.60 21.36
C ARG A 1035 7.78 4.64 21.51
N VAL A 1036 7.29 5.13 22.64
CA VAL A 1036 5.85 5.25 22.83
C VAL A 1036 5.30 6.37 21.95
N ALA A 1037 6.00 7.50 21.90
CA ALA A 1037 5.49 8.65 21.16
C ALA A 1037 5.72 8.52 19.66
N SER A 1038 6.88 8.01 19.26
CA SER A 1038 7.17 7.93 17.83
C SER A 1038 6.33 6.87 17.15
N ARG A 1039 6.02 5.78 17.87
CA ARG A 1039 5.19 4.73 17.29
C ARG A 1039 3.80 5.26 16.98
N ASP A 1040 3.26 6.13 17.83
CA ASP A 1040 1.97 6.73 17.56
C ASP A 1040 2.01 7.62 16.32
N LEU A 1041 3.05 8.44 16.19
CA LEU A 1041 3.08 9.41 15.10
C LEU A 1041 3.35 8.74 13.76
N GLN A 1042 4.14 7.65 13.75
CA GLN A 1042 4.35 6.94 12.50
C GLN A 1042 3.04 6.34 11.99
N GLN A 1043 2.20 5.83 12.90
CA GLN A 1043 0.88 5.37 12.49
C GLN A 1043 -0.02 6.54 12.12
N LEU A 1044 0.04 7.63 12.88
CA LEU A 1044 -0.76 8.79 12.56
C LEU A 1044 -0.34 9.42 11.24
N ASP A 1045 0.96 9.37 10.93
CA ASP A 1045 1.43 9.87 9.64
C ASP A 1045 0.84 9.06 8.50
N ASP A 1046 0.80 7.74 8.65
CA ASP A 1046 0.34 6.88 7.56
C ASP A 1046 -1.16 7.02 7.33
N THR A 1047 -1.95 7.08 8.41
CA THR A 1047 -3.39 7.09 8.26
C THR A 1047 -3.91 8.40 7.65
N THR A 1048 -3.13 9.48 7.71
CA THR A 1048 -3.52 10.71 7.04
C THR A 1048 -2.98 10.80 5.62
N GLN A 1049 -2.10 9.86 5.24
CA GLN A 1049 -1.64 9.82 3.85
C GLN A 1049 -2.73 9.29 2.93
N LEU A 1050 -3.53 8.34 3.41
CA LEU A 1050 -4.55 7.73 2.56
C LEU A 1050 -5.62 8.72 2.10
N PRO A 1051 -6.22 9.53 2.96
CA PRO A 1051 -7.21 10.50 2.46
C PRO A 1051 -6.63 11.48 1.45
N LEU A 1052 -5.36 11.83 1.58
CA LEU A 1052 -4.75 12.76 0.63
C LEU A 1052 -4.67 12.16 -0.75
N LEU A 1053 -4.11 10.94 -0.86
CA LEU A 1053 -4.04 10.29 -2.16
C LEU A 1053 -5.42 9.95 -2.69
N SER A 1054 -6.31 9.48 -1.81
CA SER A 1054 -7.67 9.12 -2.24
C SER A 1054 -8.38 10.32 -2.83
N HIS A 1055 -8.09 11.52 -2.35
CA HIS A 1055 -8.76 12.71 -2.85
C HIS A 1055 -8.30 13.03 -4.26
N PHE A 1056 -7.03 12.78 -4.58
CA PHE A 1056 -6.55 12.98 -5.94
C PHE A 1056 -7.23 12.03 -6.90
N ALA A 1057 -7.41 10.77 -6.51
CA ALA A 1057 -8.09 9.81 -7.37
C ALA A 1057 -9.53 10.21 -7.60
N GLU A 1058 -10.23 10.64 -6.55
CA GLU A 1058 -11.63 11.02 -6.70
C GLU A 1058 -11.79 12.19 -7.66
N THR A 1059 -10.92 13.19 -7.56
CA THR A 1059 -11.07 14.37 -8.41
C THR A 1059 -10.89 14.00 -9.89
N VAL A 1060 -9.88 13.20 -10.20
CA VAL A 1060 -9.58 12.91 -11.60
C VAL A 1060 -10.66 12.01 -12.21
N GLU A 1061 -11.16 11.04 -11.44
CA GLU A 1061 -12.17 10.13 -11.97
C GLU A 1061 -13.44 10.86 -12.33
N GLY A 1062 -13.88 11.79 -11.48
CA GLY A 1062 -15.11 12.51 -11.71
C GLY A 1062 -14.90 13.99 -11.93
N LEU A 1063 -13.88 14.33 -12.71
CA LEU A 1063 -13.54 15.75 -12.90
C LEU A 1063 -14.66 16.50 -13.60
N THR A 1064 -15.31 15.87 -14.57
CA THR A 1064 -16.37 16.57 -15.29
C THR A 1064 -17.57 16.85 -14.39
N THR A 1065 -17.88 15.93 -13.48
CA THR A 1065 -19.00 16.13 -12.57
C THR A 1065 -18.71 17.27 -11.59
N ILE A 1066 -17.48 17.35 -11.10
CA ILE A 1066 -17.12 18.37 -10.12
C ILE A 1066 -17.33 19.76 -10.71
N ARG A 1067 -16.77 20.00 -11.90
CA ARG A 1067 -16.94 21.30 -12.53
C ARG A 1067 -18.36 21.55 -12.99
N ALA A 1068 -19.19 20.51 -13.07
CA ALA A 1068 -20.59 20.71 -13.41
C ALA A 1068 -21.36 21.30 -12.24
N PHE A 1069 -21.09 20.81 -11.03
CA PHE A 1069 -21.72 21.35 -9.82
C PHE A 1069 -21.09 22.67 -9.39
N ARG A 1070 -20.02 23.10 -10.04
CA ARG A 1070 -19.22 24.25 -9.59
C ARG A 1070 -18.65 24.04 -8.19
N TYR A 1071 -18.47 22.77 -7.80
CA TYR A 1071 -17.85 22.45 -6.52
C TYR A 1071 -16.34 22.35 -6.63
N GLU A 1072 -15.74 23.02 -7.60
CA GLU A 1072 -14.28 23.05 -7.69
C GLU A 1072 -13.67 23.75 -6.49
N ALA A 1073 -14.17 24.94 -6.15
CA ALA A 1073 -13.65 25.66 -4.98
C ALA A 1073 -13.94 24.90 -3.69
N ARG A 1074 -15.13 24.33 -3.58
CA ARG A 1074 -15.46 23.56 -2.38
C ARG A 1074 -14.59 22.31 -2.27
N PHE A 1075 -14.26 21.68 -3.41
CA PHE A 1075 -13.41 20.50 -3.37
C PHE A 1075 -11.95 20.87 -3.14
N GLN A 1076 -11.51 21.99 -3.70
CA GLN A 1076 -10.13 22.42 -3.48
C GLN A 1076 -9.88 22.75 -2.02
N GLN A 1077 -10.86 23.39 -1.37
CA GLN A 1077 -10.73 23.68 0.05
C GLN A 1077 -10.60 22.40 0.87
N LYS A 1078 -11.28 21.33 0.44
CA LYS A 1078 -11.17 20.07 1.17
C LYS A 1078 -9.77 19.48 1.06
N LEU A 1079 -8.99 19.93 0.07
CA LEU A 1079 -7.61 19.46 -0.01
C LEU A 1079 -6.76 20.09 1.08
N LEU A 1080 -6.90 21.40 1.30
CA LEU A 1080 -6.06 22.08 2.27
C LEU A 1080 -6.20 21.46 3.65
N GLU A 1081 -7.43 21.11 4.04
CA GLU A 1081 -7.63 20.42 5.30
C GLU A 1081 -6.93 19.06 5.31
N TYR A 1082 -7.01 18.33 4.20
CA TYR A 1082 -6.39 17.01 4.13
C TYR A 1082 -4.88 17.09 4.20
N THR A 1083 -4.28 18.05 3.48
CA THR A 1083 -2.82 18.13 3.47
C THR A 1083 -2.27 18.81 4.71
N ASP A 1084 -3.03 19.74 5.31
CA ASP A 1084 -2.59 20.30 6.58
C ASP A 1084 -2.55 19.25 7.66
N SER A 1085 -3.57 18.39 7.73
CA SER A 1085 -3.55 17.30 8.68
C SER A 1085 -2.50 16.25 8.32
N ASN A 1086 -1.93 16.35 7.12
CA ASN A 1086 -0.81 15.48 6.78
C ASN A 1086 0.51 16.10 7.21
N ASN A 1087 0.66 17.42 7.06
CA ASN A 1087 1.89 18.07 7.45
C ASN A 1087 2.08 18.05 8.96
N ILE A 1088 1.06 18.45 9.71
CA ILE A 1088 1.21 18.52 11.16
C ILE A 1088 1.47 17.13 11.73
N ALA A 1089 0.86 16.10 11.15
CA ALA A 1089 1.15 14.75 11.60
C ALA A 1089 2.56 14.34 11.23
N SER A 1090 3.09 14.90 10.15
CA SER A 1090 4.47 14.64 9.76
C SER A 1090 5.45 15.66 10.31
N LEU A 1091 4.96 16.78 10.84
CA LEU A 1091 5.83 17.78 11.44
C LEU A 1091 6.04 17.53 12.93
N PHE A 1092 5.37 16.53 13.49
CA PHE A 1092 5.68 16.11 14.85
C PHE A 1092 6.57 14.87 14.85
N LEU A 1093 6.49 14.08 13.78
CA LEU A 1093 7.41 12.95 13.64
C LEU A 1093 8.83 13.43 13.46
N THR A 1094 9.01 14.59 12.84
CA THR A 1094 10.35 15.16 12.71
C THR A 1094 10.77 15.90 13.96
N ALA A 1095 9.83 16.46 14.72
CA ALA A 1095 10.20 17.12 15.97
C ALA A 1095 10.38 16.10 17.08
N ALA A 1096 9.86 14.88 16.90
CA ALA A 1096 10.12 13.84 17.87
C ALA A 1096 11.52 13.25 17.70
N ASN A 1097 11.93 13.03 16.46
CA ASN A 1097 13.27 12.51 16.20
C ASN A 1097 14.33 13.49 16.65
N ARG A 1098 14.14 14.78 16.35
CA ARG A 1098 15.10 15.78 16.79
C ARG A 1098 15.12 15.88 18.31
N TRP A 1099 13.97 15.66 18.95
CA TRP A 1099 13.95 15.66 20.40
C TRP A 1099 14.85 14.56 20.94
N LEU A 1100 14.77 13.37 20.35
CA LEU A 1100 15.60 12.27 20.80
C LEU A 1100 17.08 12.53 20.53
N GLU A 1101 17.42 12.88 19.29
CA GLU A 1101 18.82 12.98 18.92
C GLU A 1101 19.52 14.12 19.68
N VAL A 1102 18.78 15.16 20.03
CA VAL A 1102 19.36 16.22 20.84
C VAL A 1102 19.65 15.73 22.26
N ARG A 1103 18.77 14.88 22.81
CA ARG A 1103 19.01 14.36 24.15
C ARG A 1103 20.19 13.40 24.17
N MET A 1104 20.22 12.44 23.23
CA MET A 1104 21.33 11.49 23.20
C MET A 1104 22.65 12.18 22.89
N GLU A 1105 22.66 13.16 21.99
CA GLU A 1105 23.88 13.88 21.70
C GLU A 1105 24.30 14.75 22.88
N TYR A 1106 23.35 15.12 23.75
CA TYR A 1106 23.73 15.77 25.00
C TYR A 1106 24.31 14.77 25.98
N ILE A 1107 23.73 13.57 26.06
CA ILE A 1107 24.30 12.53 26.90
C ILE A 1107 25.69 12.15 26.40
N GLY A 1108 25.83 11.95 25.09
CA GLY A 1108 27.14 11.63 24.53
C GLY A 1108 28.14 12.76 24.74
N ALA A 1109 27.68 14.00 24.69
CA ALA A 1109 28.57 15.12 24.97
C ALA A 1109 28.83 15.24 26.46
N CYS A 1110 28.08 14.50 27.29
CA CYS A 1110 28.38 14.48 28.71
C CYS A 1110 29.29 13.31 29.07
N VAL A 1111 29.24 12.24 28.28
CA VAL A 1111 30.16 11.12 28.49
C VAL A 1111 31.59 11.54 28.15
N VAL A 1112 31.75 12.37 27.11
CA VAL A 1112 33.09 12.76 26.69
C VAL A 1112 33.76 13.65 27.74
N LEU A 1113 32.97 14.37 28.53
CA LEU A 1113 33.56 15.16 29.61
C LEU A 1113 34.04 14.27 30.75
N ILE A 1114 33.22 13.30 31.15
CA ILE A 1114 33.60 12.39 32.23
C ILE A 1114 34.79 11.53 31.80
N ALA A 1115 34.77 11.08 30.55
CA ALA A 1115 35.91 10.31 30.03
C ALA A 1115 37.18 11.16 30.01
N ALA A 1116 37.07 12.41 29.60
CA ALA A 1116 38.24 13.28 29.53
C ALA A 1116 38.69 13.69 30.93
N ALA A 1117 37.74 14.07 31.79
CA ALA A 1117 38.12 14.57 33.11
C ALA A 1117 38.80 13.48 33.94
N THR A 1118 38.26 12.27 33.90
CA THR A 1118 38.79 11.20 34.76
C THR A 1118 40.09 10.64 34.21
N SER A 1119 40.19 10.47 32.88
CA SER A 1119 41.42 9.92 32.31
C SER A 1119 42.60 10.88 32.51
N ILE A 1120 42.37 12.18 32.32
CA ILE A 1120 43.44 13.14 32.53
C ILE A 1120 43.80 13.21 34.00
N SER A 1121 42.82 13.05 34.89
CA SER A 1121 43.14 12.95 36.31
C SER A 1121 43.97 11.71 36.59
N ASN A 1122 43.62 10.58 35.98
CA ASN A 1122 44.41 9.37 36.17
C ASN A 1122 45.76 9.46 35.47
N SER A 1123 45.80 10.03 34.27
CA SER A 1123 47.03 10.03 33.50
C SER A 1123 48.11 10.91 34.14
N LEU A 1124 47.73 12.09 34.62
CA LEU A 1124 48.73 12.98 35.20
C LEU A 1124 49.20 12.48 36.57
N HIS A 1125 48.26 12.06 37.42
CA HIS A 1125 48.58 11.70 38.80
C HIS A 1125 48.91 10.22 38.93
N ARG A 1126 47.99 9.34 38.52
CA ARG A 1126 48.24 7.91 38.57
C ARG A 1126 49.14 7.53 37.40
N GLU A 1127 49.28 6.23 37.15
CA GLU A 1127 50.25 5.72 36.18
C GLU A 1127 49.58 5.31 34.87
N LEU A 1128 48.58 6.05 34.43
CA LEU A 1128 47.98 5.76 33.13
C LEU A 1128 48.87 6.31 32.01
N SER A 1129 48.77 5.69 30.84
CA SER A 1129 49.60 6.05 29.71
C SER A 1129 48.88 7.06 28.82
N ALA A 1130 49.67 7.75 27.98
CA ALA A 1130 49.10 8.70 27.05
C ALA A 1130 48.33 8.02 25.92
N GLY A 1131 48.75 6.83 25.53
CA GLY A 1131 48.02 6.12 24.49
C GLY A 1131 46.61 5.76 24.90
N LEU A 1132 46.45 5.22 26.12
CA LEU A 1132 45.12 4.80 26.57
C LEU A 1132 44.20 6.00 26.75
N VAL A 1133 44.75 7.18 27.00
CA VAL A 1133 43.91 8.38 27.05
C VAL A 1133 43.27 8.63 25.69
N GLY A 1134 44.06 8.51 24.63
CA GLY A 1134 43.52 8.69 23.29
C GLY A 1134 42.47 7.66 22.94
N LEU A 1135 42.65 6.42 23.43
CA LEU A 1135 41.70 5.36 23.14
C LEU A 1135 40.37 5.60 23.84
N GLY A 1136 40.41 6.16 25.05
CA GLY A 1136 39.18 6.51 25.72
C GLY A 1136 38.43 7.62 25.02
N LEU A 1137 39.14 8.67 24.60
CA LEU A 1137 38.46 9.81 23.97
C LEU A 1137 37.93 9.45 22.60
N THR A 1138 38.66 8.65 21.82
CA THR A 1138 38.19 8.33 20.48
C THR A 1138 36.96 7.44 20.48
N TYR A 1139 36.60 6.88 21.63
CA TYR A 1139 35.31 6.20 21.77
C TYR A 1139 34.27 7.07 22.46
N ALA A 1140 34.70 7.96 23.36
CA ALA A 1140 33.76 8.87 23.99
C ALA A 1140 33.06 9.74 22.96
N LEU A 1141 33.79 10.17 21.92
CA LEU A 1141 33.17 10.98 20.89
C LEU A 1141 32.13 10.19 20.10
N MET A 1142 32.35 8.88 19.96
CA MET A 1142 31.47 8.07 19.13
C MET A 1142 30.33 7.43 19.92
N VAL A 1143 30.30 7.55 21.25
CA VAL A 1143 29.24 6.90 22.00
C VAL A 1143 27.94 7.67 21.85
N SER A 1144 27.99 8.88 21.31
CA SER A 1144 26.77 9.62 21.05
C SER A 1144 26.04 9.05 19.84
N ASN A 1145 26.77 8.68 18.79
CA ASN A 1145 26.14 8.11 17.61
C ASN A 1145 25.56 6.73 17.89
N TYR A 1146 26.33 5.87 18.55
CA TYR A 1146 25.86 4.51 18.79
C TYR A 1146 24.61 4.51 19.66
N LEU A 1147 24.55 5.38 20.65
CA LEU A 1147 23.34 5.52 21.45
C LEU A 1147 22.17 5.96 20.58
N ASN A 1148 22.44 6.76 19.57
CA ASN A 1148 21.37 7.26 18.71
C ASN A 1148 20.87 6.18 17.76
N TRP A 1149 21.78 5.41 17.17
CA TRP A 1149 21.35 4.32 16.29
C TRP A 1149 20.69 3.20 17.06
N MET A 1150 21.16 2.93 18.29
CA MET A 1150 20.59 1.85 19.06
C MET A 1150 19.12 2.10 19.37
N VAL A 1151 18.76 3.35 19.66
CA VAL A 1151 17.37 3.64 20.03
C VAL A 1151 16.51 3.86 18.80
N ARG A 1152 17.09 4.39 17.72
CA ARG A 1152 16.30 4.59 16.51
C ARG A 1152 16.06 3.28 15.78
N ASN A 1153 17.09 2.43 15.70
CA ASN A 1153 16.87 1.10 15.12
C ASN A 1153 15.93 0.26 15.97
N LEU A 1154 16.07 0.32 17.29
CA LEU A 1154 15.16 -0.43 18.16
C LEU A 1154 13.74 0.05 17.99
N ALA A 1155 13.53 1.34 17.74
CA ALA A 1155 12.20 1.83 17.45
C ALA A 1155 11.67 1.26 16.14
N ASP A 1156 12.53 1.16 15.12
CA ASP A 1156 12.09 0.58 13.85
C ASP A 1156 11.97 -0.93 13.93
N MET A 1157 12.89 -1.57 14.67
CA MET A 1157 12.81 -3.03 14.81
C MET A 1157 11.55 -3.44 15.56
N GLU A 1158 11.09 -2.61 16.48
CA GLU A 1158 9.83 -2.89 17.16
C GLU A 1158 8.66 -2.82 16.18
N ILE A 1159 8.65 -1.82 15.31
CA ILE A 1159 7.53 -1.67 14.36
C ILE A 1159 7.58 -2.76 13.30
N GLN A 1160 8.76 -3.04 12.75
CA GLN A 1160 8.87 -4.06 11.71
C GLN A 1160 8.62 -5.46 12.25
N LEU A 1161 8.66 -5.65 13.56
CA LEU A 1161 8.29 -6.95 14.12
C LEU A 1161 6.79 -7.11 14.26
N GLY A 1162 6.01 -6.11 13.85
CA GLY A 1162 4.59 -6.33 13.69
C GLY A 1162 4.28 -7.28 12.56
N ALA A 1163 5.20 -7.42 11.61
CA ALA A 1163 5.01 -8.35 10.51
C ALA A 1163 5.04 -9.79 11.00
N VAL A 1164 6.06 -10.14 11.80
CA VAL A 1164 6.15 -11.49 12.31
C VAL A 1164 5.07 -11.76 13.35
N LYS A 1165 4.69 -10.73 14.11
CA LYS A 1165 3.72 -10.93 15.17
C LYS A 1165 2.35 -11.32 14.62
N ARG A 1166 1.94 -10.68 13.54
CA ARG A 1166 0.60 -10.94 13.01
C ARG A 1166 0.57 -12.10 12.03
N ILE A 1167 1.69 -12.40 11.37
CA ILE A 1167 1.77 -13.63 10.58
C ILE A 1167 1.64 -14.84 11.48
N HIS A 1168 2.38 -14.85 12.60
CA HIS A 1168 2.32 -15.99 13.51
C HIS A 1168 0.95 -16.14 14.14
N ALA A 1169 0.18 -15.05 14.22
CA ALA A 1169 -1.20 -15.17 14.68
C ALA A 1169 -2.06 -15.85 13.63
N LEU A 1170 -1.94 -15.41 12.37
CA LEU A 1170 -2.71 -16.01 11.29
C LEU A 1170 -2.27 -17.44 11.02
N LEU A 1171 -1.00 -17.74 11.27
CA LEU A 1171 -0.45 -19.06 10.99
C LEU A 1171 -1.03 -20.16 11.88
N LYS A 1172 -1.76 -19.79 12.94
CA LYS A 1172 -2.37 -20.76 13.85
C LYS A 1172 -3.87 -20.88 13.65
N THR A 1173 -4.36 -20.77 12.42
CA THR A 1173 -5.78 -20.95 12.14
C THR A 1173 -6.14 -22.43 12.24
N GLU A 1174 -7.42 -22.73 12.00
CA GLU A 1174 -7.88 -24.10 12.09
C GLU A 1174 -7.34 -24.92 10.92
N ALA A 1175 -7.75 -26.19 10.87
CA ALA A 1175 -7.37 -27.07 9.79
C ALA A 1175 -8.41 -28.18 9.66
N GLU A 1176 -8.97 -28.32 8.47
CA GLU A 1176 -9.95 -29.37 8.24
C GLU A 1176 -9.29 -30.74 8.39
N SER A 1177 -10.10 -31.71 8.80
CA SER A 1177 -9.62 -33.07 8.93
C SER A 1177 -9.41 -33.70 7.56
N TYR A 1178 -8.52 -34.68 7.50
CA TYR A 1178 -8.25 -35.40 6.27
C TYR A 1178 -7.90 -36.86 6.56
N PRO A 1192 -19.65 -43.04 -5.27
CA PRO A 1192 -19.98 -42.23 -6.45
C PRO A 1192 -20.29 -43.10 -7.67
N ASP A 1193 -20.03 -44.40 -7.56
CA ASP A 1193 -20.34 -45.31 -8.66
C ASP A 1193 -21.84 -45.35 -8.91
N GLN A 1194 -22.64 -45.37 -7.86
CA GLN A 1194 -24.08 -45.31 -7.95
C GLN A 1194 -24.57 -44.02 -7.33
N GLY A 1195 -25.72 -43.55 -7.78
CA GLY A 1195 -26.22 -42.26 -7.35
C GLY A 1195 -27.10 -42.25 -6.12
N LYS A 1196 -27.26 -43.37 -5.43
CA LYS A 1196 -28.14 -43.44 -4.27
C LYS A 1196 -27.55 -42.63 -3.12
N ILE A 1197 -28.23 -41.54 -2.75
CA ILE A 1197 -27.81 -40.68 -1.65
C ILE A 1197 -28.89 -40.67 -0.59
N GLN A 1198 -28.51 -40.94 0.66
CA GLN A 1198 -29.44 -41.01 1.78
C GLN A 1198 -28.95 -40.11 2.90
N ILE A 1199 -29.89 -39.43 3.56
CA ILE A 1199 -29.60 -38.49 4.63
C ILE A 1199 -30.27 -38.98 5.91
N GLN A 1200 -29.52 -38.97 7.00
CA GLN A 1200 -30.01 -39.45 8.30
C GLN A 1200 -30.13 -38.24 9.23
N ASN A 1201 -31.31 -37.60 9.18
CA ASN A 1201 -31.72 -36.53 10.09
C ASN A 1201 -30.99 -35.21 9.82
N LEU A 1202 -29.96 -35.24 8.98
CA LEU A 1202 -29.31 -34.06 8.42
C LEU A 1202 -29.18 -32.91 9.39
N SER A 1203 -28.83 -33.19 10.65
CA SER A 1203 -28.71 -32.14 11.66
C SER A 1203 -27.42 -31.37 11.43
N VAL A 1204 -27.48 -30.43 10.49
CA VAL A 1204 -26.30 -29.67 10.05
C VAL A 1204 -26.42 -28.24 10.58
N ARG A 1205 -25.37 -27.76 11.24
CA ARG A 1205 -25.34 -26.43 11.82
C ARG A 1205 -24.42 -25.54 10.98
N TYR A 1206 -24.93 -24.37 10.59
CA TYR A 1206 -24.20 -23.48 9.69
C TYR A 1206 -22.87 -23.01 10.28
N ASP A 1207 -22.74 -23.05 11.60
CA ASP A 1207 -21.51 -22.61 12.26
C ASP A 1207 -21.45 -23.24 13.64
N SER A 1208 -20.32 -23.04 14.30
CA SER A 1208 -20.16 -23.56 15.66
C SER A 1208 -21.05 -22.78 16.61
N SER A 1209 -21.85 -23.51 17.39
CA SER A 1209 -22.72 -22.91 18.41
C SER A 1209 -23.63 -21.84 17.82
N LEU A 1210 -24.37 -22.21 16.77
CA LEU A 1210 -25.34 -21.31 16.14
C LEU A 1210 -26.66 -22.06 15.97
N LYS A 1211 -27.64 -21.39 15.38
CA LYS A 1211 -28.93 -22.02 15.14
C LYS A 1211 -28.81 -23.01 13.98
N PRO A 1212 -29.34 -24.23 14.10
CA PRO A 1212 -29.22 -25.22 13.02
C PRO A 1212 -30.03 -24.78 11.81
N VAL A 1213 -29.39 -24.84 10.63
CA VAL A 1213 -30.06 -24.42 9.40
C VAL A 1213 -31.14 -25.43 9.02
N LEU A 1214 -30.83 -26.72 9.10
CA LEU A 1214 -31.75 -27.79 8.76
C LEU A 1214 -31.69 -28.85 9.84
N LYS A 1215 -32.83 -29.43 10.19
CA LYS A 1215 -32.87 -30.43 11.25
C LYS A 1215 -33.93 -31.47 10.93
N HIS A 1216 -33.61 -32.72 11.28
CA HIS A 1216 -34.50 -33.86 11.09
C HIS A 1216 -34.98 -33.97 9.65
N VAL A 1217 -34.04 -33.83 8.71
CA VAL A 1217 -34.32 -33.90 7.29
C VAL A 1217 -33.89 -35.27 6.81
N ASN A 1218 -34.87 -36.06 6.36
CA ASN A 1218 -34.64 -37.42 5.89
C ASN A 1218 -35.06 -37.51 4.43
N ALA A 1219 -34.17 -38.00 3.58
CA ALA A 1219 -34.45 -38.20 2.16
C ALA A 1219 -33.66 -39.39 1.64
N LEU A 1220 -34.15 -39.98 0.55
CA LEU A 1220 -33.47 -41.09 -0.08
C LEU A 1220 -33.76 -41.03 -1.58
N ILE A 1221 -32.75 -40.69 -2.37
CA ILE A 1221 -32.90 -40.53 -3.82
C ILE A 1221 -32.31 -41.76 -4.49
N SER A 1222 -33.11 -42.40 -5.34
CA SER A 1222 -32.67 -43.59 -6.05
C SER A 1222 -31.62 -43.23 -7.09
N PRO A 1223 -30.77 -44.17 -7.47
CA PRO A 1223 -29.77 -43.89 -8.51
C PRO A 1223 -30.43 -43.49 -9.82
N GLY A 1224 -29.79 -42.56 -10.52
CA GLY A 1224 -30.33 -42.05 -11.77
C GLY A 1224 -31.63 -41.30 -11.62
N GLN A 1225 -31.76 -40.48 -10.58
CA GLN A 1225 -32.97 -39.74 -10.31
C GLN A 1225 -32.65 -38.26 -10.14
N LYS A 1226 -33.46 -37.41 -10.75
CA LYS A 1226 -33.27 -35.96 -10.68
C LYS A 1226 -34.10 -35.43 -9.52
N ILE A 1227 -33.44 -35.00 -8.45
CA ILE A 1227 -34.10 -34.46 -7.28
C ILE A 1227 -33.99 -32.95 -7.30
N GLY A 1228 -35.10 -32.27 -7.00
CA GLY A 1228 -35.14 -30.82 -6.93
C GLY A 1228 -35.42 -30.38 -5.50
N ILE A 1229 -34.81 -29.25 -5.10
CA ILE A 1229 -35.03 -28.66 -3.79
C ILE A 1229 -35.40 -27.20 -3.99
N CYS A 1230 -36.51 -26.78 -3.38
CA CYS A 1230 -36.96 -25.40 -3.46
C CYS A 1230 -37.47 -24.96 -2.10
N GLY A 1231 -37.34 -23.67 -1.83
CA GLY A 1231 -37.78 -23.14 -0.56
C GLY A 1231 -37.53 -21.65 -0.48
N ARG A 1232 -37.90 -21.10 0.67
CA ARG A 1232 -37.76 -19.66 0.88
C ARG A 1232 -36.29 -19.28 1.01
N THR A 1233 -36.00 -18.01 0.74
CA THR A 1233 -34.64 -17.51 0.90
C THR A 1233 -34.25 -17.54 2.37
N GLY A 1234 -33.13 -18.21 2.67
CA GLY A 1234 -32.71 -18.41 4.03
C GLY A 1234 -33.46 -19.50 4.77
N SER A 1235 -34.26 -20.30 4.08
CA SER A 1235 -35.03 -21.37 4.70
C SER A 1235 -34.26 -22.69 4.76
N GLY A 1236 -32.93 -22.64 4.75
CA GLY A 1236 -32.12 -23.82 4.86
C GLY A 1236 -31.88 -24.56 3.56
N LYS A 1237 -32.45 -24.08 2.44
CA LYS A 1237 -32.19 -24.72 1.16
C LYS A 1237 -30.71 -24.59 0.78
N SER A 1238 -30.11 -23.43 1.04
CA SER A 1238 -28.72 -23.20 0.68
C SER A 1238 -27.76 -24.03 1.51
N SER A 1239 -28.19 -24.57 2.65
CA SER A 1239 -27.29 -25.40 3.45
C SER A 1239 -27.09 -26.77 2.82
N PHE A 1240 -28.15 -27.38 2.30
CA PHE A 1240 -28.04 -28.71 1.70
C PHE A 1240 -27.10 -28.72 0.50
N SER A 1241 -26.88 -27.56 -0.13
CA SER A 1241 -25.93 -27.51 -1.25
C SER A 1241 -24.51 -27.82 -0.78
N LEU A 1242 -24.08 -27.18 0.30
CA LEU A 1242 -22.74 -27.39 0.82
C LEU A 1242 -22.67 -28.52 1.86
N ALA A 1243 -23.81 -29.08 2.26
CA ALA A 1243 -23.80 -30.16 3.25
C ALA A 1243 -23.25 -31.44 2.66
N PHE A 1244 -23.50 -31.70 1.38
CA PHE A 1244 -23.03 -32.91 0.74
C PHE A 1244 -21.51 -32.91 0.52
N PHE A 1245 -20.85 -31.80 0.77
CA PHE A 1245 -19.40 -31.69 0.60
C PHE A 1245 -18.66 -31.60 1.92
N ARG A 1246 -19.32 -31.90 3.03
CA ARG A 1246 -18.73 -31.82 4.37
C ARG A 1246 -18.17 -30.44 4.69
N MET A 1247 -18.63 -29.41 3.97
CA MET A 1247 -18.21 -28.05 4.28
C MET A 1247 -18.94 -27.51 5.51
N VAL A 1248 -20.09 -28.09 5.84
CA VAL A 1248 -20.82 -27.74 7.05
C VAL A 1248 -20.23 -28.57 8.18
N ASP A 1249 -19.47 -27.92 9.05
CA ASP A 1249 -18.58 -28.60 9.98
C ASP A 1249 -19.25 -29.07 11.27
N MET A 1250 -20.57 -29.18 11.30
CA MET A 1250 -21.27 -29.62 12.51
C MET A 1250 -22.40 -30.59 12.18
N PHE A 1251 -22.20 -31.43 11.16
CA PHE A 1251 -23.25 -32.33 10.71
C PHE A 1251 -23.45 -33.43 11.75
N GLU A 1252 -24.44 -33.24 12.63
CA GLU A 1252 -24.75 -34.24 13.66
C GLU A 1252 -25.80 -35.22 13.12
N GLY A 1253 -25.35 -35.98 12.11
CA GLY A 1253 -26.21 -36.96 11.48
C GLY A 1253 -25.42 -37.95 10.64
N ARG A 1254 -25.92 -38.30 9.46
CA ARG A 1254 -25.21 -39.21 8.58
C ARG A 1254 -25.71 -39.03 7.16
N ILE A 1255 -24.79 -39.06 6.20
CA ILE A 1255 -25.10 -39.03 4.78
C ILE A 1255 -24.42 -40.23 4.12
N ILE A 1256 -25.21 -41.10 3.51
CA ILE A 1256 -24.71 -42.32 2.88
C ILE A 1256 -24.88 -42.19 1.38
N ILE A 1257 -23.77 -42.11 0.66
CA ILE A 1257 -23.76 -41.93 -0.79
C ILE A 1257 -23.05 -43.14 -1.38
N ASP A 1258 -23.79 -43.97 -2.11
CA ASP A 1258 -23.23 -45.12 -2.82
C ASP A 1258 -22.54 -46.10 -1.88
N GLY A 1259 -23.16 -46.33 -0.73
CA GLY A 1259 -22.71 -47.35 0.19
C GLY A 1259 -21.71 -46.92 1.24
N ILE A 1260 -21.15 -45.72 1.13
CA ILE A 1260 -20.18 -45.24 2.10
C ILE A 1260 -20.76 -44.05 2.83
N ASP A 1261 -20.01 -43.50 3.79
CA ASP A 1261 -20.42 -42.32 4.53
C ASP A 1261 -19.57 -41.14 4.11
N ILE A 1262 -20.22 -40.01 3.81
CA ILE A 1262 -19.52 -38.83 3.33
C ILE A 1262 -18.77 -38.17 4.48
N ALA A 1263 -18.85 -38.75 5.67
CA ALA A 1263 -18.13 -38.25 6.82
C ALA A 1263 -16.82 -38.96 7.06
N LYS A 1264 -16.79 -40.28 7.00
CA LYS A 1264 -15.57 -41.02 7.31
C LYS A 1264 -14.53 -40.86 6.21
N LEU A 1265 -14.95 -40.75 4.96
CA LEU A 1265 -14.01 -40.62 3.86
C LEU A 1265 -13.25 -39.30 3.96
N PRO A 1266 -11.96 -39.30 3.61
CA PRO A 1266 -11.17 -38.07 3.72
C PRO A 1266 -11.69 -37.00 2.77
N LEU A 1267 -11.45 -35.75 3.16
CA LEU A 1267 -12.06 -34.62 2.45
C LEU A 1267 -11.58 -34.55 1.00
N HIS A 1268 -10.27 -34.60 0.77
CA HIS A 1268 -9.75 -34.46 -0.59
C HIS A 1268 -10.06 -35.66 -1.46
N THR A 1269 -10.57 -36.75 -0.88
CA THR A 1269 -11.01 -37.90 -1.67
C THR A 1269 -12.54 -37.96 -1.81
N LEU A 1270 -13.27 -37.16 -1.04
CA LEU A 1270 -14.72 -37.10 -1.20
C LEU A 1270 -15.17 -35.90 -2.02
N ARG A 1271 -14.49 -34.76 -1.87
CA ARG A 1271 -14.78 -33.60 -2.70
C ARG A 1271 -14.41 -33.84 -4.16
N SER A 1272 -13.31 -34.53 -4.41
CA SER A 1272 -12.83 -34.72 -5.78
C SER A 1272 -13.76 -35.59 -6.61
N ARG A 1273 -14.69 -36.31 -6.00
CA ARG A 1273 -15.57 -37.19 -6.74
C ARG A 1273 -17.04 -36.81 -6.55
N LEU A 1274 -17.34 -35.51 -6.63
CA LEU A 1274 -18.72 -35.04 -6.51
C LEU A 1274 -18.85 -33.74 -7.28
N SER A 1275 -19.67 -33.75 -8.33
CA SER A 1275 -19.84 -32.57 -9.17
C SER A 1275 -20.57 -31.47 -8.41
N ILE A 1276 -20.29 -30.22 -8.79
CA ILE A 1276 -20.94 -29.06 -8.18
C ILE A 1276 -20.95 -27.94 -9.20
N ILE A 1277 -21.97 -27.07 -9.10
CA ILE A 1277 -22.10 -25.88 -9.93
C ILE A 1277 -22.56 -24.75 -9.02
N LEU A 1278 -21.64 -23.87 -8.66
CA LEU A 1278 -21.98 -22.75 -7.80
C LEU A 1278 -22.84 -21.74 -8.56
N GLN A 1279 -23.52 -20.88 -7.79
CA GLN A 1279 -24.43 -19.92 -8.40
C GLN A 1279 -23.69 -18.89 -9.23
N ASP A 1280 -22.66 -18.28 -8.67
CA ASP A 1280 -21.91 -17.23 -9.36
C ASP A 1280 -20.69 -17.83 -10.03
N PRO A 1281 -20.62 -17.83 -11.36
CA PRO A 1281 -19.48 -18.47 -12.03
C PRO A 1281 -18.19 -17.70 -11.80
N VAL A 1282 -17.08 -18.44 -11.75
CA VAL A 1282 -15.75 -17.87 -11.64
C VAL A 1282 -14.77 -18.77 -12.36
N LEU A 1283 -13.92 -18.17 -13.20
CA LEU A 1283 -12.84 -18.87 -13.89
C LEU A 1283 -11.53 -18.18 -13.57
N PHE A 1284 -10.58 -18.94 -13.03
CA PHE A 1284 -9.33 -18.38 -12.57
C PHE A 1284 -8.33 -18.29 -13.73
N SER A 1285 -7.31 -17.46 -13.54
CA SER A 1285 -6.34 -17.21 -14.59
C SER A 1285 -5.57 -18.47 -14.93
N GLY A 1286 -5.30 -18.64 -16.23
CA GLY A 1286 -4.59 -19.78 -16.76
C GLY A 1286 -5.21 -20.20 -18.07
N THR A 1287 -4.56 -21.16 -18.73
CA THR A 1287 -5.03 -21.63 -20.02
C THR A 1287 -6.40 -22.31 -19.86
N ILE A 1288 -7.05 -22.55 -21.00
CA ILE A 1288 -8.32 -23.27 -20.96
C ILE A 1288 -8.09 -24.73 -20.60
N ARG A 1289 -7.00 -25.32 -21.06
CA ARG A 1289 -6.66 -26.68 -20.63
C ARG A 1289 -6.34 -26.74 -19.15
N PHE A 1290 -5.83 -25.66 -18.57
CA PHE A 1290 -5.49 -25.61 -17.17
C PHE A 1290 -6.56 -24.93 -16.32
N ASN A 1291 -7.75 -24.68 -16.89
CA ASN A 1291 -8.91 -24.24 -16.13
C ASN A 1291 -10.09 -25.18 -16.30
N LEU A 1292 -9.94 -26.26 -17.04
CA LEU A 1292 -10.97 -27.27 -17.18
C LEU A 1292 -10.51 -28.65 -16.74
N ASP A 1293 -9.22 -28.87 -16.52
CA ASP A 1293 -8.71 -30.12 -15.98
C ASP A 1293 -7.29 -29.91 -15.45
N PRO A 1294 -7.12 -29.17 -14.35
CA PRO A 1294 -5.76 -28.94 -13.84
C PRO A 1294 -5.07 -30.20 -13.36
N GLU A 1295 -5.81 -31.27 -13.10
CA GLU A 1295 -5.20 -32.53 -12.70
C GLU A 1295 -4.39 -33.16 -13.83
N LYS A 1296 -4.55 -32.66 -15.06
CA LYS A 1296 -3.81 -33.13 -16.22
C LYS A 1296 -4.00 -34.64 -16.44
N LYS A 1297 -5.27 -35.05 -16.40
CA LYS A 1297 -5.63 -36.45 -16.59
C LYS A 1297 -6.58 -36.59 -17.78
N CYS A 1298 -7.29 -35.52 -18.11
CA CYS A 1298 -8.25 -35.56 -19.20
C CYS A 1298 -7.54 -35.70 -20.54
N SER A 1299 -8.16 -36.44 -21.45
CA SER A 1299 -7.61 -36.63 -22.78
C SER A 1299 -7.87 -35.39 -23.64
N ASP A 1300 -6.99 -35.20 -24.63
CA ASP A 1300 -7.15 -34.06 -25.53
C ASP A 1300 -8.44 -34.17 -26.35
N SER A 1301 -8.74 -35.37 -26.84
CA SER A 1301 -9.98 -35.57 -27.58
C SER A 1301 -11.20 -35.45 -26.67
N THR A 1302 -11.11 -36.01 -25.47
CA THR A 1302 -12.23 -35.95 -24.53
C THR A 1302 -12.52 -34.51 -24.11
N LEU A 1303 -11.47 -33.73 -23.85
CA LEU A 1303 -11.66 -32.37 -23.37
C LEU A 1303 -12.37 -31.51 -24.41
N TRP A 1304 -12.17 -31.80 -25.69
CA TRP A 1304 -12.87 -31.07 -26.74
C TRP A 1304 -14.35 -31.44 -26.77
N GLU A 1305 -14.66 -32.72 -26.58
CA GLU A 1305 -16.06 -33.15 -26.57
C GLU A 1305 -16.83 -32.48 -25.44
N ALA A 1306 -16.22 -32.40 -24.26
CA ALA A 1306 -16.89 -31.75 -23.12
C ALA A 1306 -17.17 -30.29 -23.41
N LEU A 1307 -16.20 -29.59 -24.01
CA LEU A 1307 -16.45 -28.20 -24.40
C LEU A 1307 -17.54 -28.12 -25.46
N GLU A 1308 -17.58 -29.08 -26.38
CA GLU A 1308 -18.65 -29.13 -27.36
C GLU A 1308 -19.97 -29.57 -26.72
N ILE A 1309 -19.92 -30.43 -25.71
CA ILE A 1309 -21.14 -30.91 -25.06
C ILE A 1309 -21.91 -29.76 -24.45
N ALA A 1310 -21.20 -28.78 -23.90
CA ALA A 1310 -21.82 -27.58 -23.38
C ALA A 1310 -22.19 -26.58 -24.46
N GLN A 1311 -22.22 -27.01 -25.73
CA GLN A 1311 -22.50 -26.12 -26.87
C GLN A 1311 -21.58 -24.91 -26.86
N LEU A 1312 -20.29 -25.16 -26.63
CA LEU A 1312 -19.31 -24.11 -26.50
C LEU A 1312 -18.10 -24.28 -27.41
N LYS A 1313 -18.06 -25.32 -28.24
CA LYS A 1313 -16.88 -25.58 -29.05
C LYS A 1313 -16.64 -24.48 -30.07
N LEU A 1314 -17.73 -23.88 -30.59
CA LEU A 1314 -17.58 -22.87 -31.64
C LEU A 1314 -16.76 -21.68 -31.16
N VAL A 1315 -17.12 -21.11 -30.01
CA VAL A 1315 -16.38 -19.98 -29.48
C VAL A 1315 -14.99 -20.41 -29.01
N VAL A 1316 -14.88 -21.61 -28.42
CA VAL A 1316 -13.60 -22.09 -27.95
C VAL A 1316 -12.63 -22.27 -29.13
N LYS A 1317 -13.11 -22.91 -30.20
CA LYS A 1317 -12.28 -23.06 -31.39
C LYS A 1317 -11.95 -21.70 -32.00
N ALA A 1318 -12.89 -20.75 -31.90
CA ALA A 1318 -12.67 -19.42 -32.44
C ALA A 1318 -11.55 -18.67 -31.73
N LEU A 1319 -11.24 -19.04 -30.49
CA LEU A 1319 -10.16 -18.40 -29.77
C LEU A 1319 -8.82 -18.74 -30.41
N PRO A 1320 -7.85 -17.83 -30.36
CA PRO A 1320 -6.51 -18.14 -30.91
C PRO A 1320 -5.87 -19.31 -30.17
N GLY A 1321 -5.17 -20.15 -30.92
CA GLY A 1321 -4.55 -21.33 -30.34
C GLY A 1321 -5.50 -22.50 -30.22
N GLY A 1322 -6.54 -22.34 -29.40
CA GLY A 1322 -7.52 -23.39 -29.22
C GLY A 1322 -7.16 -24.33 -28.08
N LEU A 1323 -7.99 -24.34 -27.03
CA LEU A 1323 -7.77 -25.14 -25.83
C LEU A 1323 -6.46 -24.76 -25.16
N ASP A 1324 -5.83 -23.66 -25.58
CA ASP A 1324 -4.64 -23.15 -24.93
C ASP A 1324 -4.61 -21.64 -24.85
N ALA A 1325 -5.69 -20.95 -25.22
CA ALA A 1325 -5.71 -19.50 -25.13
C ALA A 1325 -5.63 -19.04 -23.68
N ILE A 1326 -4.75 -18.09 -23.42
CA ILE A 1326 -4.50 -17.62 -22.05
C ILE A 1326 -5.71 -16.79 -21.64
N ILE A 1327 -6.61 -17.38 -20.87
CA ILE A 1327 -7.81 -16.70 -20.39
C ILE A 1327 -7.45 -15.87 -19.17
N THR A 1328 -8.31 -14.90 -18.86
CA THR A 1328 -8.13 -14.03 -17.70
C THR A 1328 -9.21 -14.29 -16.66
N GLU A 1329 -8.88 -13.97 -15.41
CA GLU A 1329 -9.82 -14.14 -14.31
C GLU A 1329 -11.06 -13.29 -14.54
N GLY A 1330 -12.19 -13.93 -14.81
CA GLY A 1330 -13.36 -13.20 -15.26
C GLY A 1330 -13.13 -12.60 -16.63
N GLY A 1331 -12.96 -11.28 -16.69
CA GLY A 1331 -12.57 -10.66 -17.93
C GLY A 1331 -13.67 -10.69 -18.97
N GLU A 1332 -13.27 -10.47 -20.23
CA GLU A 1332 -14.19 -10.36 -21.35
C GLU A 1332 -14.02 -11.47 -22.38
N ASN A 1333 -13.09 -12.39 -22.15
CA ASN A 1333 -12.92 -13.50 -23.09
C ASN A 1333 -14.14 -14.40 -23.16
N PHE A 1334 -14.98 -14.38 -22.13
CA PHE A 1334 -16.22 -15.15 -22.11
C PHE A 1334 -17.33 -14.27 -21.55
N SER A 1335 -18.57 -14.59 -21.93
CA SER A 1335 -19.72 -13.87 -21.41
C SER A 1335 -20.16 -14.47 -20.08
N GLN A 1336 -21.07 -13.76 -19.41
CA GLN A 1336 -21.61 -14.27 -18.15
C GLN A 1336 -22.36 -15.58 -18.38
N GLY A 1337 -23.13 -15.66 -19.46
CA GLY A 1337 -23.72 -16.93 -19.83
C GLY A 1337 -22.68 -17.95 -20.23
N GLN A 1338 -21.66 -17.52 -20.97
CA GLN A 1338 -20.59 -18.44 -21.39
C GLN A 1338 -19.78 -18.92 -20.19
N ARG A 1339 -19.44 -18.01 -19.27
CA ARG A 1339 -18.66 -18.39 -18.10
C ARG A 1339 -19.43 -19.39 -17.24
N GLN A 1340 -20.73 -19.15 -17.03
CA GLN A 1340 -21.56 -20.15 -16.36
C GLN A 1340 -21.69 -21.40 -17.21
N LEU A 1341 -21.72 -21.24 -18.54
CA LEU A 1341 -21.74 -22.41 -19.41
C LEU A 1341 -20.46 -23.21 -19.29
N PHE A 1342 -19.32 -22.52 -19.19
CA PHE A 1342 -18.04 -23.24 -19.08
C PHE A 1342 -17.97 -24.03 -17.78
N CYS A 1343 -18.52 -23.48 -16.70
CA CYS A 1343 -18.53 -24.21 -15.43
C CYS A 1343 -19.28 -25.53 -15.57
N LEU A 1344 -20.31 -25.56 -16.42
CA LEU A 1344 -20.97 -26.83 -16.72
C LEU A 1344 -20.01 -27.79 -17.41
N ALA A 1345 -19.20 -27.28 -18.34
CA ALA A 1345 -18.20 -28.13 -18.99
C ALA A 1345 -17.18 -28.63 -17.99
N ARG A 1346 -16.73 -27.78 -17.07
CA ARG A 1346 -15.83 -28.23 -16.01
C ARG A 1346 -16.49 -29.31 -15.16
N ALA A 1347 -17.78 -29.16 -14.90
CA ALA A 1347 -18.50 -30.18 -14.15
C ALA A 1347 -18.56 -31.49 -14.92
N PHE A 1348 -18.79 -31.42 -16.23
CA PHE A 1348 -18.90 -32.64 -17.03
C PHE A 1348 -17.57 -33.37 -17.13
N VAL A 1349 -16.45 -32.67 -16.90
CA VAL A 1349 -15.14 -33.30 -16.99
C VAL A 1349 -14.94 -34.32 -15.86
N ARG A 1350 -15.44 -34.02 -14.67
CA ARG A 1350 -15.20 -34.88 -13.51
C ARG A 1350 -15.83 -36.26 -13.71
N LYS A 1351 -17.04 -36.31 -14.25
CA LYS A 1351 -17.77 -37.56 -14.47
C LYS A 1351 -17.91 -38.35 -13.16
N THR A 1352 -18.35 -37.65 -12.12
CA THR A 1352 -18.47 -38.23 -10.79
C THR A 1352 -19.77 -38.99 -10.57
N SER A 1353 -20.68 -38.97 -11.55
CA SER A 1353 -21.97 -39.65 -11.51
C SER A 1353 -22.91 -39.13 -10.43
N ILE A 1354 -22.55 -38.02 -9.78
CA ILE A 1354 -23.45 -37.33 -8.85
C ILE A 1354 -23.23 -35.84 -9.04
N PHE A 1355 -24.26 -35.15 -9.53
CA PHE A 1355 -24.17 -33.73 -9.86
C PHE A 1355 -25.06 -32.94 -8.92
N ILE A 1356 -24.54 -31.82 -8.42
CA ILE A 1356 -25.27 -30.93 -7.53
C ILE A 1356 -25.25 -29.54 -8.14
N MET A 1357 -26.43 -29.00 -8.45
CA MET A 1357 -26.56 -27.67 -9.00
C MET A 1357 -27.23 -26.77 -7.98
N ASP A 1358 -26.60 -25.63 -7.69
CA ASP A 1358 -27.07 -24.71 -6.66
C ASP A 1358 -27.33 -23.35 -7.29
N GLU A 1359 -28.59 -23.09 -7.66
CA GLU A 1359 -29.02 -21.80 -8.19
C GLU A 1359 -28.17 -21.38 -9.40
N ALA A 1360 -27.91 -22.34 -10.29
CA ALA A 1360 -27.16 -22.03 -11.50
C ALA A 1360 -27.91 -21.04 -12.39
N THR A 1361 -29.23 -21.02 -12.28
CA THR A 1361 -30.04 -20.11 -13.09
C THR A 1361 -29.77 -18.64 -12.78
N ALA A 1362 -29.40 -18.33 -11.54
CA ALA A 1362 -29.17 -16.94 -11.17
C ALA A 1362 -27.94 -16.40 -11.88
N SER A 1363 -27.97 -15.09 -12.16
CA SER A 1363 -26.89 -14.39 -12.85
C SER A 1363 -26.62 -15.03 -14.22
N ILE A 1364 -27.69 -15.39 -14.93
CA ILE A 1364 -27.61 -16.00 -16.24
C ILE A 1364 -28.70 -15.42 -17.13
N ASP A 1365 -28.59 -15.70 -18.42
CA ASP A 1365 -29.59 -15.25 -19.38
C ASP A 1365 -30.74 -16.27 -19.47
N MET A 1366 -31.90 -15.77 -19.90
CA MET A 1366 -33.05 -16.66 -20.07
C MET A 1366 -32.80 -17.69 -21.16
N ALA A 1367 -32.20 -17.27 -22.28
CA ALA A 1367 -31.87 -18.22 -23.34
C ALA A 1367 -30.81 -19.20 -22.88
N THR A 1368 -29.81 -18.73 -22.14
CA THR A 1368 -28.77 -19.63 -21.64
C THR A 1368 -29.35 -20.63 -20.65
N GLU A 1369 -30.29 -20.19 -19.82
CA GLU A 1369 -30.93 -21.10 -18.87
C GLU A 1369 -31.64 -22.23 -19.60
N ASN A 1370 -32.33 -21.92 -20.69
CA ASN A 1370 -32.88 -22.97 -21.54
C ASN A 1370 -31.78 -23.83 -22.14
N ILE A 1371 -30.68 -23.19 -22.55
CA ILE A 1371 -29.55 -23.94 -23.08
C ILE A 1371 -28.93 -24.82 -22.01
N LEU A 1372 -28.76 -24.27 -20.80
CA LEU A 1372 -28.19 -25.04 -19.71
C LEU A 1372 -29.12 -26.18 -19.29
N GLN A 1373 -30.41 -25.89 -19.16
CA GLN A 1373 -31.36 -26.92 -18.74
C GLN A 1373 -31.45 -28.03 -19.78
N LYS A 1374 -31.45 -27.67 -21.06
CA LYS A 1374 -31.47 -28.69 -22.11
C LYS A 1374 -30.19 -29.52 -22.08
N VAL A 1375 -29.04 -28.88 -21.81
CA VAL A 1375 -27.79 -29.61 -21.72
C VAL A 1375 -27.82 -30.59 -20.54
N VAL A 1376 -28.30 -30.12 -19.39
CA VAL A 1376 -28.38 -30.99 -18.21
C VAL A 1376 -29.36 -32.13 -18.45
N MET A 1377 -30.49 -31.83 -19.08
CA MET A 1377 -31.49 -32.86 -19.35
C MET A 1377 -30.96 -33.90 -20.34
N THR A 1378 -30.22 -33.45 -21.36
CA THR A 1378 -29.79 -34.34 -22.44
C THR A 1378 -28.41 -34.95 -22.16
N ALA A 1379 -27.40 -34.10 -21.96
CA ALA A 1379 -26.04 -34.61 -21.78
C ALA A 1379 -25.92 -35.41 -20.48
N PHE A 1380 -26.39 -34.83 -19.37
CA PHE A 1380 -26.34 -35.51 -18.07
C PHE A 1380 -27.66 -36.22 -17.77
N ALA A 1381 -28.03 -37.16 -18.64
CA ALA A 1381 -29.28 -37.88 -18.45
C ALA A 1381 -29.27 -38.70 -17.17
N ASP A 1382 -28.16 -39.39 -16.91
CA ASP A 1382 -27.99 -40.15 -15.68
C ASP A 1382 -27.30 -39.25 -14.64
N ARG A 1383 -26.78 -39.87 -13.58
CA ARG A 1383 -25.87 -39.27 -12.59
C ARG A 1383 -26.56 -38.45 -11.51
N THR A 1384 -27.88 -38.52 -11.36
CA THR A 1384 -28.60 -37.95 -10.23
C THR A 1384 -28.33 -36.44 -10.08
N VAL A 1385 -28.77 -35.69 -11.09
CA VAL A 1385 -28.66 -34.24 -11.01
C VAL A 1385 -29.57 -33.73 -9.90
N VAL A 1386 -29.01 -32.92 -9.00
CA VAL A 1386 -29.75 -32.30 -7.92
C VAL A 1386 -29.69 -30.80 -8.12
N THR A 1387 -30.85 -30.16 -8.17
CA THR A 1387 -30.95 -28.73 -8.46
C THR A 1387 -31.59 -28.02 -7.28
N ILE A 1388 -30.81 -27.19 -6.60
CA ILE A 1388 -31.31 -26.31 -5.54
C ILE A 1388 -31.31 -24.90 -6.10
N ALA A 1389 -32.50 -24.38 -6.40
CA ALA A 1389 -32.64 -23.06 -7.00
C ALA A 1389 -34.03 -22.54 -6.69
N HIS A 1390 -34.21 -21.23 -6.86
CA HIS A 1390 -35.49 -20.56 -6.64
C HIS A 1390 -36.34 -20.47 -7.90
N ARG A 1391 -35.82 -20.93 -9.04
CA ARG A 1391 -36.58 -20.85 -10.29
C ARG A 1391 -37.77 -21.80 -10.24
N VAL A 1392 -38.90 -21.33 -10.76
CA VAL A 1392 -40.10 -22.16 -10.77
C VAL A 1392 -39.96 -23.31 -11.76
N HIS A 1393 -39.49 -23.02 -12.97
CA HIS A 1393 -39.44 -24.00 -14.04
C HIS A 1393 -38.19 -24.87 -14.01
N THR A 1394 -37.23 -24.57 -13.13
CA THR A 1394 -36.01 -25.37 -13.07
C THR A 1394 -36.32 -26.80 -12.63
N ILE A 1395 -37.17 -26.96 -11.62
CA ILE A 1395 -37.46 -28.26 -11.04
C ILE A 1395 -38.85 -28.76 -11.42
N LEU A 1396 -39.49 -28.13 -12.40
CA LEU A 1396 -40.84 -28.54 -12.78
C LEU A 1396 -40.85 -29.95 -13.32
N SER A 1397 -39.85 -30.32 -14.13
CA SER A 1397 -39.77 -31.62 -14.76
C SER A 1397 -38.92 -32.60 -13.98
N ALA A 1398 -38.49 -32.24 -12.77
CA ALA A 1398 -37.63 -33.09 -11.99
C ALA A 1398 -38.36 -34.36 -11.56
N ASP A 1399 -37.58 -35.41 -11.29
CA ASP A 1399 -38.16 -36.67 -10.85
C ASP A 1399 -38.86 -36.51 -9.51
N LEU A 1400 -38.28 -35.73 -8.60
CA LEU A 1400 -38.89 -35.47 -7.31
C LEU A 1400 -38.51 -34.07 -6.86
N VAL A 1401 -39.41 -33.40 -6.15
CA VAL A 1401 -39.20 -32.06 -5.63
C VAL A 1401 -39.44 -32.07 -4.13
N MET A 1402 -38.51 -31.47 -3.38
CA MET A 1402 -38.61 -31.40 -1.93
C MET A 1402 -38.72 -29.95 -1.51
N VAL A 1403 -39.78 -29.63 -0.77
CA VAL A 1403 -39.94 -28.29 -0.21
C VAL A 1403 -39.20 -28.20 1.12
N LEU A 1404 -38.70 -27.00 1.41
CA LEU A 1404 -37.91 -26.76 2.62
C LEU A 1404 -38.59 -25.67 3.44
N LYS A 1405 -39.08 -26.06 4.61
CA LYS A 1405 -39.58 -25.11 5.59
C LYS A 1405 -38.41 -24.63 6.44
N ARG A 1406 -38.71 -24.09 7.63
CA ARG A 1406 -37.65 -23.65 8.53
C ARG A 1406 -36.61 -24.75 8.75
N GLY A 1407 -37.07 -25.99 8.94
CA GLY A 1407 -36.17 -27.11 8.98
C GLY A 1407 -36.44 -28.17 7.93
N ALA A 1408 -37.70 -28.39 7.59
CA ALA A 1408 -38.11 -29.38 6.62
C ALA A 1408 -39.59 -29.21 6.34
N ILE A 1409 -40.00 -29.52 5.11
CA ILE A 1409 -41.38 -29.41 4.68
C ILE A 1409 -41.76 -30.67 3.92
N LEU A 1410 -42.94 -30.64 3.30
CA LEU A 1410 -43.40 -31.77 2.50
C LEU A 1410 -42.49 -31.97 1.29
N GLU A 1411 -42.16 -33.23 1.01
CA GLU A 1411 -41.28 -33.60 -0.09
C GLU A 1411 -42.01 -34.66 -0.91
N PHE A 1412 -42.86 -34.21 -1.83
CA PHE A 1412 -43.65 -35.12 -2.64
C PHE A 1412 -42.81 -35.67 -3.78
N ASP A 1413 -42.76 -37.00 -3.88
CA ASP A 1413 -41.98 -37.63 -4.93
C ASP A 1413 -42.49 -37.25 -6.31
N LYS A 1414 -43.81 -37.23 -6.48
CA LYS A 1414 -44.41 -36.80 -7.74
C LYS A 1414 -44.79 -35.34 -7.64
N PRO A 1415 -44.12 -34.44 -8.36
CA PRO A 1415 -44.52 -33.02 -8.32
C PRO A 1415 -45.94 -32.79 -8.79
N GLU A 1416 -46.47 -33.68 -9.65
CA GLU A 1416 -47.85 -33.54 -10.09
C GLU A 1416 -48.82 -33.65 -8.93
N THR A 1417 -48.58 -34.60 -8.03
CA THR A 1417 -49.44 -34.74 -6.85
C THR A 1417 -49.28 -33.55 -5.91
N LEU A 1418 -48.07 -32.99 -5.85
CA LEU A 1418 -47.81 -31.87 -4.93
C LEU A 1418 -48.64 -30.65 -5.29
N LEU A 1419 -48.81 -30.38 -6.60
CA LEU A 1419 -49.55 -29.20 -7.02
C LEU A 1419 -51.00 -29.26 -6.57
N SER A 1420 -51.63 -30.44 -6.68
CA SER A 1420 -53.02 -30.58 -6.25
C SER A 1420 -53.14 -30.63 -4.73
N GLN A 1421 -52.22 -31.33 -4.07
CA GLN A 1421 -52.33 -31.52 -2.63
C GLN A 1421 -52.06 -30.24 -1.86
N LYS A 1422 -51.13 -29.41 -2.34
CA LYS A 1422 -50.75 -28.19 -1.64
C LYS A 1422 -51.78 -27.06 -1.77
N ASP A 1423 -52.97 -27.34 -2.28
CA ASP A 1423 -54.02 -26.33 -2.48
C ASP A 1423 -53.52 -25.22 -3.42
N SER A 1424 -52.62 -25.57 -4.32
CA SER A 1424 -52.03 -24.64 -5.28
C SER A 1424 -51.43 -23.43 -4.56
N VAL A 1425 -50.63 -23.70 -3.53
CA VAL A 1425 -50.06 -22.65 -2.70
C VAL A 1425 -48.54 -22.79 -2.64
N PHE A 1426 -48.05 -23.98 -2.29
CA PHE A 1426 -46.63 -24.16 -2.02
C PHE A 1426 -45.78 -23.86 -3.25
N ALA A 1427 -46.20 -24.34 -4.42
CA ALA A 1427 -45.45 -24.14 -5.65
C ALA A 1427 -46.26 -23.52 -6.76
N SER A 1428 -47.54 -23.88 -6.90
CA SER A 1428 -48.36 -23.35 -7.98
C SER A 1428 -48.57 -21.85 -7.82
N PHE A 1429 -48.96 -21.41 -6.61
CA PHE A 1429 -49.16 -19.99 -6.37
C PHE A 1429 -47.85 -19.21 -6.50
N VAL A 1430 -46.75 -19.79 -6.01
CA VAL A 1430 -45.46 -19.14 -6.14
C VAL A 1430 -45.09 -18.99 -7.61
N ARG A 1431 -45.33 -20.02 -8.40
CA ARG A 1431 -45.09 -19.95 -9.84
C ARG A 1431 -46.16 -19.10 -10.51
#